data_8K2O
#
_entry.id   8K2O
#
_cell.length_a   77.506
_cell.length_b   112.156
_cell.length_c   135.183
_cell.angle_alpha   90.00
_cell.angle_beta   90.00
_cell.angle_gamma   90.00
#
_symmetry.space_group_name_H-M   'P 21 21 21'
#
loop_
_entity.id
_entity.type
_entity.pdbx_description
1 polymer Fhb7-M10
2 water water
#
_entity_poly.entity_id   1
_entity_poly.type   'polypeptide(L)'
_entity_poly.pdbx_seq_one_letter_code
;GSMATSTSTSTPIIFYDIAQRPPVAETCCAPNPWKSRLALNFKAVPYTTTWVKLPDIERVCKEIGAEPSAFGLLKEGKPY
YTLPIIHDPATDSLIGDSFDIAAYLQRTYPASGAGDLFPPQKLDYAVGRDMQQLLFPLSEIRASPELADYARFNSNVDAA
FTAHVGLMVHGLPLDPATAEVTKAEFVRRAGLSSWDDLEMVGEARDKMMQSFRNMLGDLAALFRKDASGPFLLGQRATYA
DMIVGGWLRMMRATLPVSEWQEARAWHGGIFGRLHDALDKYAEVK
;
_entity_poly.pdbx_strand_id   A,B,C,D
#
# COMPACT_ATOMS: atom_id res chain seq x y z
N SER A 10 -20.97 -35.81 -13.74
CA SER A 10 -21.16 -35.49 -12.33
C SER A 10 -20.00 -34.65 -11.78
N THR A 11 -19.39 -33.82 -12.65
CA THR A 11 -18.30 -32.96 -12.19
C THR A 11 -18.41 -31.53 -12.76
N PRO A 12 -19.56 -30.85 -12.65
CA PRO A 12 -19.64 -29.48 -13.16
C PRO A 12 -18.78 -28.52 -12.35
N ILE A 13 -18.45 -27.40 -12.97
CA ILE A 13 -17.76 -26.32 -12.28
C ILE A 13 -18.64 -25.82 -11.15
N ILE A 14 -18.03 -25.52 -10.01
CA ILE A 14 -18.72 -24.85 -8.90
C ILE A 14 -18.42 -23.36 -8.99
N PHE A 15 -19.46 -22.54 -9.08
CA PHE A 15 -19.37 -21.10 -9.29
C PHE A 15 -19.85 -20.40 -8.02
N TYR A 16 -18.95 -19.72 -7.29
CA TYR A 16 -19.37 -19.04 -6.06
C TYR A 16 -19.80 -17.63 -6.45
N ASP A 17 -21.07 -17.33 -6.18
CA ASP A 17 -21.74 -16.08 -6.51
C ASP A 17 -22.25 -15.46 -5.21
N ILE A 18 -22.74 -14.23 -5.29
CA ILE A 18 -23.11 -13.45 -4.12
C ILE A 18 -24.62 -13.48 -3.97
N ALA A 19 -25.09 -14.00 -2.84
CA ALA A 19 -26.53 -14.03 -2.58
C ALA A 19 -27.02 -12.64 -2.23
N GLN A 20 -28.09 -12.20 -2.86
CA GLN A 20 -28.75 -10.94 -2.55
C GLN A 20 -30.01 -11.25 -1.75
N ARG A 21 -31.10 -10.73 -2.05
CA ARG A 21 -32.39 -10.99 -1.45
C ARG A 21 -33.09 -12.12 -2.19
N PRO A 22 -33.87 -12.94 -1.50
CA PRO A 22 -34.64 -13.99 -2.18
C PRO A 22 -35.69 -13.38 -3.10
N PRO A 23 -35.88 -13.96 -4.29
CA PRO A 23 -35.20 -15.13 -4.88
C PRO A 23 -33.83 -14.78 -5.49
N VAL A 24 -32.77 -15.46 -5.03
CA VAL A 24 -31.40 -15.05 -5.33
C VAL A 24 -31.14 -15.01 -6.83
N ALA A 25 -31.81 -15.88 -7.60
CA ALA A 25 -31.62 -15.93 -9.06
C ALA A 25 -32.18 -14.70 -9.76
N GLU A 26 -33.15 -14.01 -9.16
CA GLU A 26 -33.73 -12.83 -9.79
C GLU A 26 -33.12 -11.52 -9.30
N THR A 27 -32.37 -11.51 -8.18
CA THR A 27 -31.90 -10.27 -7.59
C THR A 27 -30.38 -10.10 -7.68
N CYS A 28 -29.68 -11.00 -8.36
CA CYS A 28 -28.23 -10.97 -8.39
C CYS A 28 -27.76 -9.77 -9.21
N CYS A 29 -26.78 -9.07 -8.68
CA CYS A 29 -26.39 -7.77 -9.20
C CYS A 29 -24.89 -7.49 -9.15
N ALA A 30 -24.06 -8.38 -8.63
CA ALA A 30 -22.63 -8.04 -8.50
C ALA A 30 -21.95 -8.08 -9.87
N PRO A 31 -21.18 -7.05 -10.22
CA PRO A 31 -20.74 -6.91 -11.63
C PRO A 31 -19.71 -7.92 -12.07
N ASN A 32 -18.71 -8.21 -11.22
CA ASN A 32 -17.71 -9.19 -11.61
C ASN A 32 -18.29 -10.60 -11.73
N PRO A 33 -19.11 -11.09 -10.79
CA PRO A 33 -19.77 -12.38 -11.04
C PRO A 33 -20.60 -12.38 -12.31
N TRP A 34 -21.28 -11.29 -12.64
CA TRP A 34 -22.05 -11.26 -13.89
C TRP A 34 -21.14 -11.44 -15.10
N LYS A 35 -19.96 -10.81 -15.08
CA LYS A 35 -19.00 -10.98 -16.18
C LYS A 35 -18.71 -12.47 -16.37
N SER A 36 -18.38 -13.16 -15.28
CA SER A 36 -18.02 -14.56 -15.38
C SER A 36 -19.21 -15.42 -15.76
N ARG A 37 -20.39 -15.08 -15.26
CA ARG A 37 -21.58 -15.85 -15.62
C ARG A 37 -21.85 -15.75 -17.12
N LEU A 38 -21.71 -14.56 -17.68
CA LEU A 38 -21.83 -14.40 -19.13
C LEU A 38 -20.80 -15.26 -19.86
N ALA A 39 -19.54 -15.23 -19.38
CA ALA A 39 -18.51 -16.02 -20.03
C ALA A 39 -18.80 -17.53 -19.91
N LEU A 40 -19.21 -18.00 -18.73
CA LEU A 40 -19.52 -19.41 -18.55
C LEU A 40 -20.65 -19.85 -19.48
N ASN A 41 -21.71 -19.05 -19.58
CA ASN A 41 -22.83 -19.43 -20.44
C ASN A 41 -22.43 -19.42 -21.91
N PHE A 42 -21.64 -18.42 -22.32
CA PHE A 42 -21.12 -18.35 -23.69
C PHE A 42 -20.29 -19.58 -24.03
N LYS A 43 -19.45 -20.03 -23.09
CA LYS A 43 -18.61 -21.20 -23.32
C LYS A 43 -19.39 -22.50 -23.20
N ALA A 44 -20.61 -22.46 -22.65
CA ALA A 44 -21.44 -23.64 -22.48
C ALA A 44 -20.72 -24.74 -21.67
N VAL A 45 -19.89 -24.35 -20.71
CA VAL A 45 -19.24 -25.30 -19.81
C VAL A 45 -20.17 -25.55 -18.63
N PRO A 46 -20.47 -26.79 -18.29
CA PRO A 46 -21.42 -27.06 -17.19
C PRO A 46 -20.94 -26.48 -15.86
N TYR A 47 -21.83 -25.76 -15.18
CA TYR A 47 -21.47 -25.23 -13.87
C TYR A 47 -22.73 -25.17 -13.02
N THR A 48 -22.52 -25.10 -11.71
CA THR A 48 -23.59 -24.92 -10.75
C THR A 48 -23.19 -23.79 -9.82
N THR A 49 -24.17 -23.01 -9.39
CA THR A 49 -23.93 -21.82 -8.57
C THR A 49 -24.13 -22.15 -7.10
N THR A 50 -23.15 -21.81 -6.27
CA THR A 50 -23.32 -21.76 -4.82
C THR A 50 -23.53 -20.30 -4.44
N TRP A 51 -24.65 -19.98 -3.78
CA TRP A 51 -25.01 -18.59 -3.49
C TRP A 51 -24.50 -18.22 -2.09
N VAL A 52 -23.43 -17.42 -2.03
CA VAL A 52 -22.75 -17.12 -0.77
C VAL A 52 -23.51 -16.04 -0.01
N LYS A 53 -23.90 -16.37 1.24
CA LYS A 53 -24.59 -15.43 2.10
C LYS A 53 -23.59 -14.73 3.01
N LEU A 54 -23.71 -13.41 3.08
CA LEU A 54 -22.79 -12.64 3.88
C LEU A 54 -23.56 -11.44 4.43
N PRO A 55 -23.18 -10.91 5.60
CA PRO A 55 -23.92 -9.78 6.15
C PRO A 55 -23.71 -8.54 5.31
N ASP A 56 -24.62 -7.57 5.45
CA ASP A 56 -24.36 -6.25 4.86
C ASP A 56 -22.97 -5.79 5.27
N ILE A 57 -22.40 -4.90 4.47
CA ILE A 57 -21.07 -4.33 4.68
C ILE A 57 -20.04 -5.29 4.12
N GLU A 58 -19.95 -6.51 4.67
CA GLU A 58 -19.10 -7.49 4.01
C GLU A 58 -19.59 -7.76 2.58
N ARG A 59 -20.91 -7.90 2.40
CA ARG A 59 -21.43 -8.16 1.06
C ARG A 59 -21.17 -6.98 0.14
N VAL A 60 -21.41 -5.76 0.61
CA VAL A 60 -21.07 -4.58 -0.17
C VAL A 60 -19.59 -4.59 -0.51
N CYS A 61 -18.74 -4.96 0.47
CA CYS A 61 -17.30 -4.95 0.21
C CYS A 61 -16.91 -5.98 -0.83
N LYS A 62 -17.52 -7.18 -0.78
CA LYS A 62 -17.19 -8.22 -1.76
C LYS A 62 -17.71 -7.89 -3.17
N GLU A 63 -18.78 -7.08 -3.24
CA GLU A 63 -19.48 -6.66 -4.46
C GLU A 63 -18.71 -5.58 -5.22
N ILE A 64 -18.46 -4.48 -4.53
CA ILE A 64 -17.69 -3.37 -5.06
C ILE A 64 -16.65 -3.02 -4.00
N GLY A 65 -15.78 -2.09 -4.28
CA GLY A 65 -14.79 -2.02 -3.20
C GLY A 65 -13.48 -2.62 -3.64
N ALA A 66 -12.39 -1.95 -3.26
CA ALA A 66 -11.16 -1.96 -4.03
C ALA A 66 -10.36 -3.26 -3.84
N GLU A 67 -9.77 -3.72 -4.93
CA GLU A 67 -8.91 -4.88 -4.91
C GLU A 67 -7.63 -4.57 -4.15
N PRO A 68 -6.98 -5.59 -3.58
CA PRO A 68 -5.80 -5.34 -2.73
C PRO A 68 -4.64 -4.67 -3.44
N SER A 69 -4.60 -4.71 -4.78
CA SER A 69 -3.44 -4.22 -5.54
C SER A 69 -2.22 -5.12 -5.31
N LEU A 73 -0.20 -8.40 -10.59
CA LEU A 73 -1.00 -8.53 -11.80
C LEU A 73 -1.27 -10.00 -12.15
N LEU A 74 -0.21 -10.81 -12.18
CA LEU A 74 -0.33 -12.24 -12.45
C LEU A 74 -0.73 -12.98 -11.17
N LYS A 75 -1.60 -13.98 -11.32
CA LYS A 75 -2.09 -14.70 -10.15
C LYS A 75 -0.98 -15.48 -9.44
N GLU A 76 0.14 -15.75 -10.14
CA GLU A 76 1.27 -16.47 -9.54
C GLU A 76 1.95 -15.67 -8.42
N GLY A 77 1.66 -14.37 -8.32
CA GLY A 77 2.07 -13.56 -7.18
C GLY A 77 0.95 -13.06 -6.30
N LYS A 78 -0.29 -13.53 -6.51
CA LYS A 78 -1.42 -13.14 -5.67
C LYS A 78 -1.76 -14.27 -4.71
N PRO A 79 -1.68 -14.06 -3.40
CA PRO A 79 -2.10 -15.11 -2.46
C PRO A 79 -3.60 -15.13 -2.20
N TYR A 80 -4.37 -14.27 -2.87
CA TYR A 80 -5.78 -14.06 -2.54
C TYR A 80 -6.70 -14.31 -3.73
N TYR A 81 -7.98 -14.45 -3.40
CA TYR A 81 -9.06 -14.67 -4.33
C TYR A 81 -10.14 -13.65 -4.08
N THR A 82 -10.65 -13.04 -5.15
CA THR A 82 -11.88 -12.26 -5.02
C THR A 82 -13.02 -13.01 -5.69
N LEU A 83 -14.25 -12.57 -5.40
CA LEU A 83 -15.37 -13.24 -6.02
C LEU A 83 -15.65 -12.67 -7.42
N PRO A 84 -16.15 -13.48 -8.36
CA PRO A 84 -16.54 -14.89 -8.20
C PRO A 84 -15.33 -15.81 -8.12
N ILE A 85 -15.53 -16.99 -7.54
CA ILE A 85 -14.54 -18.06 -7.51
C ILE A 85 -15.14 -19.27 -8.20
N ILE A 86 -14.35 -19.95 -9.05
CA ILE A 86 -14.75 -21.24 -9.59
C ILE A 86 -13.81 -22.30 -9.02
N HIS A 87 -14.36 -23.46 -8.69
CA HIS A 87 -13.58 -24.69 -8.60
C HIS A 87 -13.91 -25.56 -9.82
N ASP A 88 -12.89 -25.94 -10.59
CA ASP A 88 -13.13 -26.83 -11.71
C ASP A 88 -12.60 -28.22 -11.38
N PRO A 89 -13.46 -29.18 -11.06
CA PRO A 89 -12.98 -30.54 -10.75
C PRO A 89 -12.19 -31.18 -11.87
N ALA A 90 -12.37 -30.71 -13.12
CA ALA A 90 -11.72 -31.35 -14.25
C ALA A 90 -10.21 -31.19 -14.20
N THR A 91 -9.72 -30.10 -13.62
CA THR A 91 -8.29 -29.86 -13.46
C THR A 91 -7.92 -29.61 -12.00
N ASP A 92 -8.88 -29.73 -11.07
CA ASP A 92 -8.75 -29.34 -9.66
C ASP A 92 -8.16 -27.94 -9.50
N SER A 93 -8.68 -27.01 -10.28
CA SER A 93 -8.22 -25.64 -10.23
C SER A 93 -9.18 -24.81 -9.38
N LEU A 94 -8.61 -23.82 -8.69
CA LEU A 94 -9.40 -22.84 -7.97
C LEU A 94 -8.96 -21.47 -8.46
N ILE A 95 -9.89 -20.72 -9.06
CA ILE A 95 -9.58 -19.45 -9.68
C ILE A 95 -10.57 -18.41 -9.18
N GLY A 96 -10.02 -17.36 -8.60
CA GLY A 96 -10.74 -16.13 -8.36
C GLY A 96 -10.40 -15.14 -9.46
N ASP A 97 -11.08 -14.01 -9.44
CA ASP A 97 -10.85 -12.90 -10.37
C ASP A 97 -11.50 -13.22 -11.72
N SER A 98 -12.55 -12.45 -12.03
CA SER A 98 -13.29 -12.66 -13.27
C SER A 98 -12.36 -12.78 -14.48
N PHE A 99 -11.34 -11.93 -14.56
CA PHE A 99 -10.53 -11.94 -15.77
C PHE A 99 -9.74 -13.23 -15.89
N ASP A 100 -9.15 -13.70 -14.79
CA ASP A 100 -8.42 -14.96 -14.82
C ASP A 100 -9.36 -16.12 -15.12
N ILE A 101 -10.63 -16.01 -14.70
CA ILE A 101 -11.61 -17.06 -14.96
C ILE A 101 -11.93 -17.13 -16.46
N ALA A 102 -12.13 -15.98 -17.10
CA ALA A 102 -12.37 -15.99 -18.54
C ALA A 102 -11.18 -16.53 -19.30
N ALA A 103 -9.97 -16.13 -18.89
CA ALA A 103 -8.77 -16.62 -19.55
C ALA A 103 -8.65 -18.13 -19.38
N TYR A 104 -8.89 -18.63 -18.16
CA TYR A 104 -8.84 -20.07 -17.89
C TYR A 104 -9.84 -20.81 -18.77
N LEU A 105 -11.07 -20.31 -18.85
CA LEU A 105 -12.10 -20.98 -19.63
C LEU A 105 -11.69 -21.11 -21.10
N GLN A 106 -11.08 -20.07 -21.66
CA GLN A 106 -10.72 -20.12 -23.07
C GLN A 106 -9.50 -21.02 -23.31
N ARG A 107 -8.54 -21.02 -22.37
CA ARG A 107 -7.37 -21.90 -22.45
C ARG A 107 -7.77 -23.37 -22.31
N THR A 108 -8.75 -23.65 -21.46
CA THR A 108 -9.09 -25.02 -21.10
C THR A 108 -10.20 -25.60 -21.95
N TYR A 109 -11.10 -24.77 -22.48
CA TYR A 109 -12.23 -25.22 -23.30
C TYR A 109 -12.27 -24.39 -24.58
N PRO A 110 -11.19 -24.38 -25.36
CA PRO A 110 -11.09 -23.38 -26.44
C PRO A 110 -12.16 -23.55 -27.49
N ALA A 111 -12.62 -24.77 -27.77
CA ALA A 111 -13.56 -24.99 -28.85
C ALA A 111 -15.00 -25.11 -28.37
N SER A 112 -15.24 -25.00 -27.06
CA SER A 112 -16.60 -25.26 -26.60
C SER A 112 -17.45 -24.00 -26.70
N GLY A 113 -18.77 -24.21 -26.74
CA GLY A 113 -19.68 -23.09 -26.71
C GLY A 113 -19.67 -22.26 -27.99
N ALA A 114 -19.97 -20.97 -27.81
CA ALA A 114 -20.22 -20.03 -28.91
C ALA A 114 -18.98 -19.59 -29.66
N GLY A 115 -17.78 -19.94 -29.20
CA GLY A 115 -16.58 -19.53 -29.89
C GLY A 115 -15.48 -19.01 -28.98
N ASP A 116 -14.63 -18.14 -29.52
CA ASP A 116 -13.42 -17.69 -28.87
C ASP A 116 -13.72 -16.43 -28.06
N LEU A 117 -13.48 -16.48 -26.75
CA LEU A 117 -13.66 -15.29 -25.92
C LEU A 117 -12.67 -14.17 -26.23
N PHE A 118 -11.49 -14.49 -26.76
CA PHE A 118 -10.38 -13.53 -26.87
C PHE A 118 -9.74 -13.47 -28.26
N PRO A 119 -10.52 -13.25 -29.32
CA PRO A 119 -9.90 -13.05 -30.62
C PRO A 119 -9.10 -11.76 -30.62
N PRO A 120 -8.07 -11.67 -31.45
CA PRO A 120 -7.34 -10.40 -31.61
C PRO A 120 -8.31 -9.28 -31.98
N GLN A 121 -8.27 -8.19 -31.23
CA GLN A 121 -9.00 -7.00 -31.62
C GLN A 121 -8.41 -5.78 -30.92
N LYS A 122 -8.66 -4.63 -31.53
CA LYS A 122 -8.21 -3.36 -31.02
C LYS A 122 -9.20 -2.88 -29.97
N LEU A 123 -8.72 -2.61 -28.78
CA LEU A 123 -9.53 -2.09 -27.70
C LEU A 123 -8.96 -0.74 -27.31
N ASP A 124 -9.07 0.25 -28.22
CA ASP A 124 -8.50 1.58 -28.00
C ASP A 124 -9.50 2.45 -27.21
N TYR A 125 -9.70 2.08 -25.95
CA TYR A 125 -10.47 2.89 -25.01
C TYR A 125 -9.50 3.44 -23.97
N ALA A 126 -9.54 4.76 -23.76
CA ALA A 126 -8.83 5.38 -22.65
C ALA A 126 -7.32 5.17 -22.78
N VAL A 127 -6.83 5.17 -24.02
CA VAL A 127 -5.42 4.95 -24.28
C VAL A 127 -4.62 6.12 -23.72
N GLY A 128 -3.63 5.81 -22.88
CA GLY A 128 -2.82 6.81 -22.25
C GLY A 128 -3.36 7.35 -20.95
N ARG A 129 -4.59 6.97 -20.56
CA ARG A 129 -5.15 7.45 -19.29
C ARG A 129 -4.27 7.05 -18.11
N ASP A 130 -3.60 5.90 -18.20
CA ASP A 130 -2.75 5.39 -17.12
C ASP A 130 -1.31 5.89 -17.22
N MET A 131 -1.08 7.03 -17.88
CA MET A 131 0.28 7.49 -18.17
C MET A 131 1.15 7.55 -16.91
N GLN A 132 0.59 7.98 -15.78
CA GLN A 132 1.37 8.08 -14.55
C GLN A 132 1.97 6.73 -14.14
N GLN A 133 1.26 5.62 -14.38
CA GLN A 133 1.81 4.31 -14.06
C GLN A 133 2.59 3.70 -15.20
N LEU A 134 2.46 4.20 -16.43
CA LEU A 134 3.34 3.73 -17.47
C LEU A 134 4.76 4.25 -17.26
N LEU A 135 4.87 5.54 -16.91
CA LEU A 135 6.16 6.11 -16.52
C LEU A 135 6.68 5.52 -15.22
N PHE A 136 5.81 5.14 -14.29
CA PHE A 136 6.22 4.65 -12.96
C PHE A 136 5.45 3.39 -12.60
N PRO A 137 5.81 2.25 -13.20
CA PRO A 137 5.02 1.03 -13.02
C PRO A 137 5.09 0.52 -11.59
N LEU A 138 3.95 0.05 -11.08
CA LEU A 138 3.90 -0.63 -9.79
C LEU A 138 4.43 -2.05 -9.87
N SER A 139 4.58 -2.57 -11.09
CA SER A 139 5.08 -3.92 -11.34
C SER A 139 5.48 -4.05 -12.80
N GLU A 140 6.64 -4.66 -13.06
CA GLU A 140 7.05 -4.98 -14.42
C GLU A 140 6.57 -6.37 -14.84
N ILE A 141 5.60 -6.92 -14.14
CA ILE A 141 5.24 -8.31 -14.27
C ILE A 141 4.03 -8.47 -15.18
N ARG A 142 3.71 -9.72 -15.51
CA ARG A 142 2.51 -10.12 -16.23
C ARG A 142 2.43 -9.40 -17.57
N ALA A 143 1.32 -8.73 -17.87
CA ALA A 143 1.05 -8.23 -19.21
C ALA A 143 1.10 -9.36 -20.22
N SER A 144 0.47 -10.49 -19.85
CA SER A 144 0.43 -11.70 -20.65
C SER A 144 0.04 -11.35 -22.08
N PRO A 145 0.97 -11.42 -23.02
CA PRO A 145 0.68 -10.98 -24.39
C PRO A 145 -0.51 -11.75 -24.94
N GLU A 146 -1.12 -11.15 -25.97
CA GLU A 146 -2.38 -11.61 -26.58
C GLU A 146 -3.59 -11.19 -25.75
N LEU A 147 -3.49 -11.25 -24.42
CA LEU A 147 -4.54 -10.78 -23.53
C LEU A 147 -4.30 -9.37 -23.02
N ALA A 148 -3.15 -8.75 -23.32
CA ALA A 148 -2.80 -7.50 -22.66
C ALA A 148 -3.82 -6.40 -22.95
N ASP A 149 -4.35 -6.36 -24.17
CA ASP A 149 -5.33 -5.36 -24.55
C ASP A 149 -6.66 -5.59 -23.85
N TYR A 150 -7.04 -6.86 -23.64
CA TYR A 150 -8.27 -7.16 -22.91
C TYR A 150 -8.10 -6.86 -21.42
N ALA A 151 -6.93 -7.18 -20.85
CA ALA A 151 -6.70 -6.88 -19.44
C ALA A 151 -6.73 -5.38 -19.18
N ARG A 152 -6.11 -4.60 -20.07
CA ARG A 152 -6.14 -3.14 -19.96
C ARG A 152 -7.56 -2.59 -20.06
N PHE A 153 -8.34 -3.09 -21.02
CA PHE A 153 -9.75 -2.71 -21.14
C PHE A 153 -10.53 -3.06 -19.87
N ASN A 154 -10.32 -4.26 -19.32
CA ASN A 154 -11.00 -4.63 -18.08
C ASN A 154 -10.68 -3.63 -16.97
N SER A 155 -9.38 -3.34 -16.77
CA SER A 155 -8.97 -2.38 -15.74
C SER A 155 -9.64 -1.02 -15.95
N ASN A 156 -9.58 -0.49 -17.19
CA ASN A 156 -10.09 0.84 -17.47
C ASN A 156 -11.60 0.91 -17.33
N VAL A 157 -12.31 -0.10 -17.82
CA VAL A 157 -13.77 -0.10 -17.69
C VAL A 157 -14.16 -0.17 -16.22
N ASP A 158 -13.52 -1.03 -15.45
CA ASP A 158 -13.83 -1.14 -14.02
C ASP A 158 -13.63 0.20 -13.31
N ALA A 159 -12.51 0.88 -13.58
CA ALA A 159 -12.26 2.18 -12.95
C ALA A 159 -13.31 3.21 -13.35
N ALA A 160 -13.73 3.20 -14.62
CA ALA A 160 -14.71 4.20 -15.08
C ALA A 160 -16.08 3.97 -14.45
N PHE A 161 -16.53 2.71 -14.37
CA PHE A 161 -17.80 2.45 -13.71
C PHE A 161 -17.71 2.68 -12.20
N THR A 162 -16.58 2.31 -11.59
CA THR A 162 -16.44 2.50 -10.15
C THR A 162 -16.51 3.97 -9.77
N ALA A 163 -15.95 4.83 -10.61
CA ALA A 163 -16.07 6.28 -10.40
C ALA A 163 -17.52 6.77 -10.42
N HIS A 164 -18.47 5.96 -10.92
CA HIS A 164 -19.88 6.37 -10.95
C HIS A 164 -20.77 5.48 -10.10
N VAL A 165 -20.19 4.68 -9.20
CA VAL A 165 -20.96 3.65 -8.50
C VAL A 165 -21.93 4.26 -7.48
N GLY A 166 -21.71 5.50 -7.08
CA GLY A 166 -22.67 6.17 -6.20
C GLY A 166 -24.09 6.13 -6.72
N LEU A 167 -24.26 6.08 -8.04
CA LEU A 167 -25.60 6.00 -8.63
C LEU A 167 -26.27 4.68 -8.31
N MET A 168 -25.50 3.63 -8.08
CA MET A 168 -26.08 2.32 -7.85
C MET A 168 -26.20 1.98 -6.37
N VAL A 169 -25.74 2.88 -5.49
CA VAL A 169 -25.68 2.56 -4.06
C VAL A 169 -27.09 2.43 -3.48
N HIS A 170 -28.02 3.31 -3.89
CA HIS A 170 -29.39 3.22 -3.38
C HIS A 170 -29.99 1.85 -3.63
N GLY A 171 -29.70 1.25 -4.79
CA GLY A 171 -30.24 -0.05 -5.16
C GLY A 171 -29.49 -1.28 -4.66
N LEU A 172 -28.34 -1.12 -4.03
CA LEU A 172 -27.61 -2.26 -3.46
C LEU A 172 -28.45 -2.93 -2.38
N PRO A 173 -28.86 -4.18 -2.55
CA PRO A 173 -29.78 -4.80 -1.59
C PRO A 173 -29.19 -4.91 -0.20
N LEU A 174 -30.00 -4.57 0.79
CA LEU A 174 -29.63 -4.68 2.20
C LEU A 174 -30.65 -5.57 2.90
N ASP A 175 -30.16 -6.36 3.86
CA ASP A 175 -31.04 -7.19 4.69
C ASP A 175 -31.95 -6.28 5.50
N PRO A 176 -33.27 -6.39 5.36
CA PRO A 176 -34.17 -5.42 6.01
C PRO A 176 -34.09 -5.42 7.53
N ALA A 177 -33.44 -6.39 8.14
CA ALA A 177 -33.28 -6.42 9.59
C ALA A 177 -32.03 -5.71 10.06
N THR A 178 -31.03 -5.54 9.19
CA THR A 178 -29.83 -4.80 9.52
C THR A 178 -29.67 -3.54 8.69
N ALA A 179 -30.61 -3.24 7.80
CA ALA A 179 -30.43 -2.15 6.84
C ALA A 179 -30.19 -0.82 7.54
N GLU A 180 -31.06 -0.46 8.49
CA GLU A 180 -30.93 0.83 9.15
C GLU A 180 -29.59 0.94 9.89
N VAL A 181 -29.17 -0.13 10.56
CA VAL A 181 -27.91 -0.11 11.29
C VAL A 181 -26.72 0.03 10.35
N THR A 182 -26.72 -0.72 9.24
CA THR A 182 -25.58 -0.63 8.33
C THR A 182 -25.55 0.72 7.63
N LYS A 183 -26.72 1.27 7.32
CA LYS A 183 -26.81 2.60 6.73
C LYS A 183 -26.17 3.62 7.67
N ALA A 184 -26.39 3.46 8.97
CA ALA A 184 -25.84 4.39 9.95
C ALA A 184 -24.35 4.18 10.20
N GLU A 185 -23.77 3.05 9.81
CA GLU A 185 -22.33 2.88 9.97
C GLU A 185 -21.56 3.42 8.77
N PHE A 186 -22.07 3.22 7.56
CA PHE A 186 -21.44 3.80 6.38
C PHE A 186 -21.34 5.31 6.52
N VAL A 187 -22.46 5.97 6.74
CA VAL A 187 -22.39 7.34 7.25
C VAL A 187 -21.83 7.26 8.66
N ARG A 188 -20.89 8.15 8.99
CA ARG A 188 -20.02 8.12 10.17
C ARG A 188 -18.64 7.70 9.72
N ARG A 189 -18.55 6.51 9.13
CA ARG A 189 -17.35 6.11 8.41
C ARG A 189 -16.95 7.18 7.42
N ALA A 190 -17.91 7.63 6.60
CA ALA A 190 -17.79 8.91 5.93
C ALA A 190 -18.15 10.02 6.90
N GLY A 191 -17.55 11.18 6.72
CA GLY A 191 -17.85 12.25 7.66
C GLY A 191 -19.18 12.92 7.41
N LEU A 192 -20.24 12.13 7.18
CA LEU A 192 -21.48 12.65 6.63
C LEU A 192 -22.58 12.68 7.68
N SER A 193 -23.65 13.41 7.36
CA SER A 193 -24.74 13.63 8.30
C SER A 193 -26.01 12.84 7.97
N SER A 194 -26.17 12.42 6.71
CA SER A 194 -27.37 11.72 6.32
C SER A 194 -27.01 10.58 5.38
N TRP A 195 -27.90 9.61 5.28
CA TRP A 195 -27.75 8.62 4.22
C TRP A 195 -28.14 9.21 2.87
N ASP A 196 -28.98 10.26 2.85
CA ASP A 196 -29.26 10.98 1.61
C ASP A 196 -27.96 11.43 0.93
N ASP A 197 -27.00 11.93 1.71
CA ASP A 197 -25.62 12.05 1.26
C ASP A 197 -25.00 10.67 1.35
N LEU A 198 -24.23 10.30 0.31
CA LEU A 198 -23.78 8.93 0.04
C LEU A 198 -24.68 8.34 -1.02
N GLU A 199 -25.96 8.14 -0.67
CA GLU A 199 -26.91 7.63 -1.63
C GLU A 199 -27.00 8.51 -2.90
N MET A 200 -26.73 9.81 -2.75
CA MET A 200 -26.73 10.80 -3.84
C MET A 200 -28.14 11.18 -4.28
N VAL A 201 -28.55 12.40 -3.94
CA VAL A 201 -29.83 12.95 -4.34
C VAL A 201 -29.62 14.36 -4.89
N GLY A 202 -30.59 14.82 -5.67
CA GLY A 202 -30.58 16.20 -6.11
C GLY A 202 -29.40 16.51 -7.00
N GLU A 203 -28.87 17.72 -6.84
CA GLU A 203 -27.89 18.27 -7.79
C GLU A 203 -26.65 17.39 -7.93
N ALA A 204 -26.14 16.85 -6.82
CA ALA A 204 -24.97 15.98 -6.93
C ALA A 204 -25.28 14.73 -7.75
N ARG A 205 -26.51 14.24 -7.67
CA ARG A 205 -26.89 13.10 -8.48
C ARG A 205 -27.04 13.50 -9.95
N ASP A 206 -27.62 14.67 -10.21
CA ASP A 206 -27.72 15.17 -11.58
C ASP A 206 -26.36 15.30 -12.22
N LYS A 207 -25.39 15.86 -11.49
CA LYS A 207 -24.05 16.00 -12.04
C LYS A 207 -23.40 14.63 -12.26
N MET A 208 -23.60 13.68 -11.33
CA MET A 208 -23.03 12.35 -11.54
C MET A 208 -23.65 11.65 -12.75
N MET A 209 -24.96 11.80 -12.94
CA MET A 209 -25.64 11.22 -14.10
C MET A 209 -25.10 11.78 -15.41
N GLN A 210 -24.84 13.09 -15.45
CA GLN A 210 -24.26 13.70 -16.64
C GLN A 210 -22.86 13.16 -16.91
N SER A 211 -22.06 13.02 -15.84
CA SER A 211 -20.72 12.43 -15.94
C SER A 211 -20.80 11.00 -16.46
N PHE A 212 -21.70 10.21 -15.87
CA PHE A 212 -21.94 8.83 -16.30
C PHE A 212 -22.28 8.78 -17.79
N ARG A 213 -23.18 9.66 -18.23
CA ARG A 213 -23.54 9.65 -19.64
C ARG A 213 -22.34 10.01 -20.50
N ASN A 214 -21.51 10.94 -20.05
CA ASN A 214 -20.31 11.28 -20.82
C ASN A 214 -19.33 10.12 -20.87
N MET A 215 -19.17 9.42 -19.75
CA MET A 215 -18.30 8.25 -19.71
C MET A 215 -18.78 7.17 -20.67
N LEU A 216 -20.07 6.85 -20.63
CA LEU A 216 -20.62 5.88 -21.56
C LEU A 216 -20.46 6.34 -23.01
N GLY A 217 -20.45 7.65 -23.24
CA GLY A 217 -20.24 8.16 -24.59
C GLY A 217 -18.90 7.75 -25.17
N ASP A 218 -17.83 7.87 -24.38
CA ASP A 218 -16.52 7.44 -24.85
C ASP A 218 -16.48 5.94 -25.07
N LEU A 219 -17.08 5.20 -24.15
CA LEU A 219 -17.14 3.75 -24.31
C LEU A 219 -17.96 3.37 -25.54
N ALA A 220 -19.04 4.11 -25.80
CA ALA A 220 -19.92 3.80 -26.92
C ALA A 220 -19.23 3.93 -28.28
N ALA A 221 -18.21 4.78 -28.39
CA ALA A 221 -17.48 4.90 -29.66
C ALA A 221 -17.00 3.53 -30.16
N LEU A 222 -16.56 2.66 -29.25
CA LEU A 222 -16.05 1.36 -29.68
C LEU A 222 -17.18 0.46 -30.14
N PHE A 223 -18.36 0.57 -29.53
CA PHE A 223 -19.46 -0.30 -29.93
C PHE A 223 -20.21 0.23 -31.16
N ARG A 224 -19.95 1.49 -31.57
CA ARG A 224 -20.52 2.09 -32.79
C ARG A 224 -19.78 1.66 -34.05
N LYS A 225 -18.47 1.37 -33.92
CA LYS A 225 -17.60 1.28 -35.08
C LYS A 225 -18.10 0.22 -36.06
N ASP A 226 -18.35 -1.00 -35.59
CA ASP A 226 -18.98 -2.01 -36.43
C ASP A 226 -20.47 -2.00 -36.12
N ALA A 227 -21.23 -1.26 -36.94
CA ALA A 227 -22.65 -1.05 -36.70
C ALA A 227 -23.50 -2.18 -37.23
N SER A 228 -22.90 -3.22 -37.81
CA SER A 228 -23.65 -4.38 -38.28
C SER A 228 -24.21 -5.21 -37.13
N GLY A 229 -23.79 -4.93 -35.88
CA GLY A 229 -24.36 -5.57 -34.71
C GLY A 229 -24.00 -4.87 -33.41
N PRO A 230 -24.56 -5.33 -32.30
CA PRO A 230 -24.39 -4.60 -31.05
C PRO A 230 -23.05 -4.82 -30.36
N PHE A 231 -22.32 -5.86 -30.71
CA PHE A 231 -21.06 -6.16 -30.03
C PHE A 231 -19.92 -5.36 -30.65
N LEU A 232 -18.76 -5.40 -29.99
CA LEU A 232 -17.60 -4.70 -30.52
C LEU A 232 -17.28 -5.17 -31.93
N LEU A 233 -17.37 -6.47 -32.16
CA LEU A 233 -17.12 -7.05 -33.49
C LEU A 233 -18.41 -7.34 -34.23
N GLY A 234 -19.39 -6.44 -34.11
CA GLY A 234 -20.61 -6.59 -34.88
C GLY A 234 -21.56 -7.62 -34.29
N GLN A 235 -21.82 -8.71 -35.00
CA GLN A 235 -22.67 -9.77 -34.48
C GLN A 235 -21.87 -10.81 -33.69
N ARG A 236 -20.54 -10.69 -33.64
CA ARG A 236 -19.72 -11.64 -32.89
C ARG A 236 -19.39 -11.09 -31.51
N ALA A 237 -19.74 -11.84 -30.47
CA ALA A 237 -19.49 -11.45 -29.09
C ALA A 237 -18.12 -11.92 -28.63
N THR A 238 -17.52 -11.16 -27.71
CA THR A 238 -16.24 -11.50 -27.09
C THR A 238 -16.28 -11.19 -25.60
N TYR A 239 -15.20 -11.55 -24.90
CA TYR A 239 -15.17 -11.23 -23.47
C TYR A 239 -15.21 -9.73 -23.23
N ALA A 240 -14.69 -8.92 -24.15
CA ALA A 240 -14.71 -7.49 -23.90
C ALA A 240 -16.13 -6.96 -23.86
N ASP A 241 -17.07 -7.58 -24.60
CA ASP A 241 -18.47 -7.18 -24.49
C ASP A 241 -19.06 -7.53 -23.15
N MET A 242 -18.59 -8.64 -22.57
CA MET A 242 -19.04 -9.12 -21.27
C MET A 242 -18.44 -8.30 -20.13
N ILE A 243 -17.25 -7.73 -20.34
CA ILE A 243 -16.68 -6.83 -19.34
C ILE A 243 -17.63 -5.67 -19.12
N VAL A 244 -18.05 -5.02 -20.21
CA VAL A 244 -19.07 -3.98 -20.12
C VAL A 244 -20.41 -4.58 -19.71
N GLY A 245 -20.75 -5.74 -20.25
CA GLY A 245 -22.06 -6.32 -19.99
C GLY A 245 -22.32 -6.63 -18.53
N GLY A 246 -21.28 -7.00 -17.78
CA GLY A 246 -21.47 -7.29 -16.36
C GLY A 246 -21.89 -6.04 -15.60
N TRP A 247 -21.32 -4.88 -15.94
CA TRP A 247 -21.72 -3.63 -15.31
C TRP A 247 -23.14 -3.25 -15.71
N LEU A 248 -23.54 -3.56 -16.95
CA LEU A 248 -24.91 -3.29 -17.36
C LEU A 248 -25.90 -4.13 -16.58
N ARG A 249 -25.54 -5.38 -16.29
CA ARG A 249 -26.44 -6.21 -15.49
C ARG A 249 -26.58 -5.65 -14.08
N MET A 250 -25.49 -5.15 -13.51
CA MET A 250 -25.60 -4.50 -12.22
C MET A 250 -26.48 -3.25 -12.31
N MET A 251 -26.29 -2.43 -13.36
CA MET A 251 -27.13 -1.24 -13.50
C MET A 251 -28.61 -1.62 -13.59
N ARG A 252 -28.92 -2.62 -14.40
CA ARG A 252 -30.29 -3.07 -14.56
C ARG A 252 -30.91 -3.45 -13.21
N ALA A 253 -30.11 -4.06 -12.34
CA ALA A 253 -30.60 -4.55 -11.06
C ALA A 253 -30.64 -3.46 -9.99
N THR A 254 -29.87 -2.37 -10.13
CA THR A 254 -29.72 -1.43 -9.03
C THR A 254 -30.11 0.01 -9.33
N LEU A 255 -30.15 0.44 -10.59
CA LEU A 255 -30.59 1.82 -10.85
C LEU A 255 -32.10 1.93 -10.70
N PRO A 256 -32.60 3.09 -10.24
CA PRO A 256 -34.03 3.37 -10.38
C PRO A 256 -34.50 3.12 -11.82
N VAL A 257 -35.75 2.67 -11.95
CA VAL A 257 -36.28 2.24 -13.24
C VAL A 257 -36.10 3.32 -14.29
N SER A 258 -36.46 4.57 -13.95
CA SER A 258 -36.35 5.66 -14.92
C SER A 258 -34.91 5.88 -15.37
N GLU A 259 -33.96 5.76 -14.45
CA GLU A 259 -32.56 6.00 -14.80
C GLU A 259 -31.98 4.88 -15.65
N TRP A 260 -32.36 3.61 -15.38
CA TRP A 260 -31.94 2.54 -16.27
C TRP A 260 -32.48 2.76 -17.67
N GLN A 261 -33.72 3.22 -17.79
CA GLN A 261 -34.32 3.45 -19.11
C GLN A 261 -33.60 4.58 -19.84
N GLU A 262 -33.26 5.66 -19.15
CA GLU A 262 -32.47 6.72 -19.76
C GLU A 262 -31.10 6.20 -20.22
N ALA A 263 -30.43 5.40 -19.39
CA ALA A 263 -29.08 4.95 -19.72
C ALA A 263 -29.10 3.96 -20.89
N ARG A 264 -30.11 3.08 -20.94
CA ARG A 264 -30.33 2.20 -22.11
C ARG A 264 -30.46 2.99 -23.40
N ALA A 265 -30.91 4.23 -23.31
CA ALA A 265 -31.29 4.99 -24.50
C ALA A 265 -30.25 6.05 -24.90
N TRP A 266 -29.31 6.38 -24.01
CA TRP A 266 -28.24 7.31 -24.35
C TRP A 266 -27.46 6.82 -25.57
N HIS A 267 -26.88 7.78 -26.31
CA HIS A 267 -26.05 7.49 -27.47
C HIS A 267 -26.77 6.58 -28.46
N GLY A 268 -27.98 6.98 -28.82
CA GLY A 268 -28.74 6.27 -29.83
C GLY A 268 -29.15 4.86 -29.44
N GLY A 269 -29.01 4.48 -28.19
CA GLY A 269 -29.47 3.19 -27.72
C GLY A 269 -28.42 2.09 -27.67
N ILE A 270 -27.15 2.45 -27.76
CA ILE A 270 -26.09 1.47 -27.93
C ILE A 270 -26.07 0.44 -26.79
N PHE A 271 -26.10 0.92 -25.53
CA PHE A 271 -25.95 -0.04 -24.45
C PHE A 271 -27.21 -0.81 -24.19
N GLY A 272 -28.38 -0.24 -24.51
CA GLY A 272 -29.60 -1.04 -24.54
C GLY A 272 -29.48 -2.23 -25.48
N ARG A 273 -29.02 -1.99 -26.71
CA ARG A 273 -28.89 -3.08 -27.67
C ARG A 273 -27.83 -4.09 -27.25
N LEU A 274 -26.73 -3.64 -26.63
CA LEU A 274 -25.74 -4.58 -26.13
C LEU A 274 -26.32 -5.45 -25.00
N HIS A 275 -27.01 -4.80 -24.05
CA HIS A 275 -27.63 -5.53 -22.94
C HIS A 275 -28.59 -6.59 -23.47
N ASP A 276 -29.46 -6.19 -24.40
CA ASP A 276 -30.41 -7.12 -25.03
C ASP A 276 -29.70 -8.25 -25.77
N ALA A 277 -28.61 -7.94 -26.46
CA ALA A 277 -27.90 -9.00 -27.18
C ALA A 277 -27.22 -9.98 -26.24
N LEU A 278 -26.89 -9.58 -25.02
CA LEU A 278 -26.28 -10.49 -24.06
C LEU A 278 -27.30 -11.33 -23.30
N ASP A 279 -28.60 -11.07 -23.48
CA ASP A 279 -29.65 -11.88 -22.83
C ASP A 279 -29.43 -13.35 -23.10
N LYS A 280 -29.08 -13.72 -24.34
CA LYS A 280 -28.88 -15.13 -24.69
C LYS A 280 -27.78 -15.79 -23.84
N TYR A 281 -26.90 -15.02 -23.21
CA TYR A 281 -25.84 -15.59 -22.39
C TYR A 281 -26.05 -15.32 -20.91
N ALA A 282 -27.23 -14.84 -20.53
CA ALA A 282 -27.42 -14.28 -19.19
C ALA A 282 -28.24 -15.20 -18.29
N GLU A 283 -28.44 -16.47 -18.69
CA GLU A 283 -29.19 -17.40 -17.87
C GLU A 283 -28.55 -17.54 -16.50
N VAL A 284 -29.36 -17.44 -15.46
CA VAL A 284 -28.89 -17.60 -14.09
C VAL A 284 -29.20 -19.04 -13.69
N LYS A 285 -28.29 -19.95 -14.02
CA LYS A 285 -28.35 -21.35 -13.60
C LYS A 285 -27.59 -21.60 -12.31
N SER B 10 17.47 40.33 6.66
CA SER B 10 16.15 39.77 6.42
C SER B 10 16.22 38.26 6.41
N THR B 11 15.19 37.59 6.92
CA THR B 11 15.08 36.13 6.89
C THR B 11 13.79 35.76 6.17
N PRO B 12 13.78 35.84 4.85
CA PRO B 12 12.57 35.49 4.10
C PRO B 12 12.34 33.98 4.09
N ILE B 13 11.11 33.60 3.75
CA ILE B 13 10.80 32.20 3.56
C ILE B 13 11.67 31.64 2.44
N ILE B 14 12.18 30.42 2.61
CA ILE B 14 12.90 29.72 1.56
C ILE B 14 11.91 28.79 0.88
N PHE B 15 11.80 28.89 -0.45
CA PHE B 15 10.86 28.14 -1.29
C PHE B 15 11.66 27.18 -2.16
N TYR B 16 11.59 25.87 -1.88
CA TYR B 16 12.28 24.88 -2.70
C TYR B 16 11.41 24.52 -3.91
N ASP B 17 11.88 24.88 -5.10
CA ASP B 17 11.20 24.70 -6.37
C ASP B 17 12.02 23.75 -7.24
N ILE B 18 11.42 23.26 -8.33
CA ILE B 18 12.05 22.27 -9.21
C ILE B 18 12.69 22.99 -10.39
N ALA B 19 14.00 22.83 -10.56
CA ALA B 19 14.70 23.45 -11.69
C ALA B 19 14.43 22.67 -12.98
N GLN B 20 14.05 23.38 -14.03
CA GLN B 20 13.92 22.81 -15.37
C GLN B 20 15.17 23.19 -16.19
N ARG B 21 15.04 23.70 -17.40
CA ARG B 21 16.13 24.15 -18.25
C ARG B 21 16.41 25.63 -17.96
N PRO B 22 17.66 26.08 -18.12
CA PRO B 22 17.92 27.50 -18.00
C PRO B 22 17.21 28.27 -19.10
N PRO B 23 16.76 29.50 -18.83
CA PRO B 23 16.72 30.15 -17.51
C PRO B 23 15.61 29.52 -16.66
N VAL B 24 15.90 29.09 -15.42
CA VAL B 24 14.89 28.36 -14.66
C VAL B 24 13.66 29.21 -14.37
N ALA B 25 13.79 30.53 -14.34
CA ALA B 25 12.66 31.40 -14.05
C ALA B 25 11.68 31.52 -15.21
N GLU B 26 12.08 31.10 -16.42
CA GLU B 26 11.21 31.16 -17.59
C GLU B 26 10.66 29.80 -18.00
N THR B 27 11.21 28.70 -17.49
CA THR B 27 10.78 27.37 -17.91
C THR B 27 10.10 26.56 -16.81
N CYS B 28 9.98 27.11 -15.59
CA CYS B 28 9.40 26.38 -14.47
C CYS B 28 7.95 25.98 -14.78
N CYS B 29 7.63 24.70 -14.57
CA CYS B 29 6.38 24.16 -15.05
C CYS B 29 5.72 23.14 -14.13
N ALA B 30 6.31 22.80 -12.98
CA ALA B 30 5.72 21.79 -12.11
C ALA B 30 4.41 22.32 -11.51
N PRO B 31 3.34 21.51 -11.50
CA PRO B 31 2.03 22.05 -11.13
C PRO B 31 1.88 22.37 -9.65
N ASN B 32 2.34 21.48 -8.77
CA ASN B 32 2.20 21.77 -7.35
C ASN B 32 3.05 22.96 -6.93
N PRO B 33 4.32 23.07 -7.33
CA PRO B 33 5.04 24.32 -7.00
C PRO B 33 4.37 25.56 -7.56
N TRP B 34 3.73 25.49 -8.74
CA TRP B 34 3.00 26.65 -9.25
C TRP B 34 1.85 27.03 -8.32
N LYS B 35 1.12 26.05 -7.75
CA LYS B 35 0.03 26.38 -6.84
C LYS B 35 0.52 27.19 -5.65
N SER B 36 1.66 26.75 -5.09
CA SER B 36 2.22 27.41 -3.92
C SER B 36 2.84 28.75 -4.28
N ARG B 37 3.46 28.85 -5.46
CA ARG B 37 4.01 30.13 -5.88
C ARG B 37 2.88 31.15 -6.00
N LEU B 38 1.73 30.74 -6.55
CA LEU B 38 0.57 31.62 -6.66
C LEU B 38 0.06 32.04 -5.28
N ALA B 39 0.00 31.09 -4.33
CA ALA B 39 -0.42 31.41 -2.97
C ALA B 39 0.55 32.36 -2.27
N LEU B 40 1.86 32.11 -2.40
CA LEU B 40 2.86 32.95 -1.76
C LEU B 40 2.81 34.38 -2.28
N ASN B 41 2.68 34.54 -3.59
CA ASN B 41 2.57 35.87 -4.18
C ASN B 41 1.27 36.55 -3.74
N PHE B 42 0.19 35.78 -3.60
CA PHE B 42 -1.08 36.30 -3.12
C PHE B 42 -0.96 36.85 -1.70
N LYS B 43 -0.29 36.10 -0.81
CA LYS B 43 -0.09 36.57 0.56
C LYS B 43 0.96 37.68 0.64
N ALA B 44 1.80 37.83 -0.38
CA ALA B 44 2.79 38.90 -0.42
C ALA B 44 3.79 38.80 0.73
N VAL B 45 4.02 37.60 1.28
CA VAL B 45 5.06 37.44 2.29
C VAL B 45 6.41 37.28 1.60
N PRO B 46 7.47 37.92 2.10
CA PRO B 46 8.78 37.81 1.43
C PRO B 46 9.27 36.36 1.37
N TYR B 47 9.68 35.94 0.17
CA TYR B 47 10.25 34.62 0.00
C TYR B 47 11.33 34.67 -1.06
N THR B 48 12.25 33.71 -1.02
CA THR B 48 13.22 33.48 -2.08
C THR B 48 13.17 32.01 -2.51
N THR B 49 13.51 31.76 -3.77
CA THR B 49 13.46 30.42 -4.34
C THR B 49 14.85 29.79 -4.37
N THR B 50 14.95 28.56 -3.89
CA THR B 50 16.10 27.71 -4.17
C THR B 50 15.69 26.70 -5.24
N TRP B 51 16.40 26.69 -6.36
CA TRP B 51 16.04 25.86 -7.50
C TRP B 51 16.73 24.50 -7.36
N VAL B 52 15.93 23.45 -7.14
CA VAL B 52 16.48 22.11 -6.90
C VAL B 52 16.76 21.45 -8.25
N LYS B 53 17.98 20.96 -8.42
CA LYS B 53 18.40 20.27 -9.62
C LYS B 53 18.32 18.77 -9.39
N LEU B 54 17.56 18.08 -10.25
CA LEU B 54 17.41 16.64 -10.22
C LEU B 54 17.71 16.08 -11.59
N PRO B 55 18.22 14.85 -11.67
CA PRO B 55 18.31 14.18 -12.97
C PRO B 55 16.91 13.90 -13.52
N ASP B 56 16.85 13.67 -14.83
CA ASP B 56 15.60 13.21 -15.40
C ASP B 56 15.14 11.96 -14.65
N ILE B 57 13.85 11.69 -14.73
CA ILE B 57 13.19 10.54 -14.12
C ILE B 57 12.91 10.89 -12.68
N GLU B 58 13.96 11.20 -11.89
CA GLU B 58 13.72 11.69 -10.54
C GLU B 58 12.92 12.99 -10.59
N ARG B 59 13.35 13.92 -11.44
CA ARG B 59 12.60 15.17 -11.61
C ARG B 59 11.17 14.91 -12.06
N VAL B 60 10.99 14.02 -13.03
CA VAL B 60 9.65 13.71 -13.49
C VAL B 60 8.82 13.14 -12.34
N CYS B 61 9.44 12.28 -11.53
CA CYS B 61 8.73 11.70 -10.40
C CYS B 61 8.31 12.76 -9.41
N LYS B 62 9.21 13.69 -9.08
CA LYS B 62 8.93 14.74 -8.10
C LYS B 62 7.81 15.66 -8.57
N GLU B 63 7.63 15.78 -9.90
CA GLU B 63 6.74 16.71 -10.61
C GLU B 63 5.31 16.20 -10.72
N ILE B 64 5.16 15.03 -11.34
CA ILE B 64 3.89 14.34 -11.49
C ILE B 64 4.12 12.92 -11.02
N GLY B 65 3.09 12.09 -11.08
CA GLY B 65 3.57 10.89 -10.41
C GLY B 65 3.11 10.82 -8.95
N ALA B 66 2.83 9.59 -8.51
CA ALA B 66 1.87 9.39 -7.43
C ALA B 66 2.48 9.63 -6.06
N GLU B 67 1.72 10.25 -5.20
CA GLU B 67 2.11 10.48 -3.82
C GLU B 67 1.72 9.28 -2.96
N PRO B 68 2.40 9.09 -1.83
CA PRO B 68 2.04 7.97 -0.96
C PRO B 68 0.64 8.16 -0.39
N SER B 69 -0.09 7.05 -0.26
CA SER B 69 -1.39 7.08 0.37
C SER B 69 -1.30 6.31 1.70
N ALA B 70 -2.39 5.66 2.10
CA ALA B 70 -2.48 4.81 3.29
C ALA B 70 -2.29 5.58 4.59
N PHE B 71 -2.32 6.91 4.55
CA PHE B 71 -2.25 7.71 5.76
C PHE B 71 -3.27 8.84 5.68
N GLY B 72 -3.29 9.55 4.54
CA GLY B 72 -4.15 10.69 4.30
C GLY B 72 -4.43 11.55 5.52
N LEU B 73 -3.42 11.71 6.38
CA LEU B 73 -3.65 12.31 7.70
C LEU B 73 -3.66 13.83 7.61
N LEU B 74 -2.70 14.50 8.24
CA LEU B 74 -2.73 15.95 8.35
C LEU B 74 -1.41 16.46 8.89
N LYS B 75 -0.35 16.37 8.06
CA LYS B 75 1.02 16.65 8.50
C LYS B 75 1.40 15.70 9.63
N GLU B 76 0.72 15.79 10.77
CA GLU B 76 0.91 14.82 11.85
C GLU B 76 0.37 13.48 11.38
N GLY B 77 1.21 12.45 11.42
CA GLY B 77 0.88 11.19 10.81
C GLY B 77 1.60 10.90 9.51
N LYS B 78 2.17 11.92 8.85
CA LYS B 78 3.03 11.70 7.69
C LYS B 78 4.46 12.08 8.05
N PRO B 79 5.41 11.16 7.94
CA PRO B 79 6.82 11.51 8.17
C PRO B 79 7.51 12.15 6.97
N TYR B 80 6.82 12.29 5.82
CA TYR B 80 7.44 12.70 4.57
C TYR B 80 6.93 14.05 4.06
N TYR B 81 7.68 14.58 3.09
CA TYR B 81 7.47 15.88 2.46
C TYR B 81 7.52 15.68 0.94
N THR B 82 6.50 16.16 0.24
CA THR B 82 6.63 16.30 -1.19
C THR B 82 6.97 17.76 -1.52
N LEU B 83 7.47 17.99 -2.73
CA LEU B 83 7.75 19.33 -3.19
C LEU B 83 6.47 20.01 -3.63
N PRO B 84 6.39 21.35 -3.51
CA PRO B 84 7.40 22.26 -2.99
C PRO B 84 7.50 22.18 -1.47
N ILE B 85 8.57 22.72 -0.93
CA ILE B 85 8.81 22.79 0.51
C ILE B 85 9.14 24.23 0.84
N ILE B 86 8.60 24.74 1.95
CA ILE B 86 9.02 26.04 2.48
C ILE B 86 9.61 25.84 3.86
N HIS B 87 10.65 26.59 4.14
CA HIS B 87 11.12 26.84 5.50
C HIS B 87 10.75 28.28 5.84
N ASP B 88 10.03 28.47 6.93
CA ASP B 88 9.67 29.81 7.38
C ASP B 88 10.46 30.15 8.64
N PRO B 89 11.47 31.02 8.55
CA PRO B 89 12.23 31.40 9.75
C PRO B 89 11.37 32.04 10.85
N ALA B 90 10.23 32.66 10.52
CA ALA B 90 9.45 33.34 11.55
C ALA B 90 8.96 32.39 12.62
N THR B 91 8.70 31.13 12.26
CA THR B 91 8.26 30.11 13.20
C THR B 91 9.17 28.89 13.22
N ASP B 92 10.20 28.86 12.37
CA ASP B 92 11.07 27.69 12.15
C ASP B 92 10.29 26.44 11.72
N SER B 93 9.26 26.65 10.91
CA SER B 93 8.45 25.54 10.43
C SER B 93 8.99 25.08 9.08
N LEU B 94 8.80 23.79 8.80
CA LEU B 94 9.14 23.22 7.50
C LEU B 94 7.92 22.47 7.02
N ILE B 95 7.35 22.92 5.90
CA ILE B 95 6.08 22.41 5.41
C ILE B 95 6.29 21.98 3.97
N GLY B 96 5.94 20.72 3.68
CA GLY B 96 5.84 20.22 2.32
C GLY B 96 4.37 20.00 1.99
N ASP B 97 4.14 19.60 0.74
CA ASP B 97 2.79 19.45 0.21
C ASP B 97 2.15 20.82 0.00
N SER B 98 1.79 21.12 -1.26
CA SER B 98 1.27 22.43 -1.59
C SER B 98 0.02 22.76 -0.76
N PHE B 99 -0.86 21.77 -0.54
CA PHE B 99 -2.08 22.07 0.21
C PHE B 99 -1.75 22.51 1.63
N ASP B 100 -0.91 21.72 2.31
CA ASP B 100 -0.45 22.09 3.65
C ASP B 100 0.27 23.43 3.67
N ILE B 101 1.00 23.76 2.60
CA ILE B 101 1.66 25.06 2.54
C ILE B 101 0.61 26.17 2.53
N ALA B 102 -0.39 26.04 1.66
CA ALA B 102 -1.44 27.07 1.60
C ALA B 102 -2.16 27.18 2.94
N ALA B 103 -2.50 26.05 3.54
CA ALA B 103 -3.11 26.04 4.87
C ALA B 103 -2.22 26.76 5.89
N TYR B 104 -0.92 26.48 5.87
CA TYR B 104 -0.03 27.13 6.82
C TYR B 104 -0.02 28.64 6.60
N LEU B 105 0.02 29.08 5.34
CA LEU B 105 0.06 30.52 5.07
C LEU B 105 -1.20 31.20 5.57
N GLN B 106 -2.36 30.59 5.36
CA GLN B 106 -3.60 31.19 5.86
C GLN B 106 -3.61 31.25 7.38
N ARG B 107 -3.19 30.18 8.04
CA ARG B 107 -3.19 30.16 9.50
C ARG B 107 -2.23 31.19 10.08
N THR B 108 -1.06 31.37 9.47
CA THR B 108 0.02 32.16 10.03
C THR B 108 -0.06 33.63 9.62
N TYR B 109 -0.47 33.89 8.38
CA TYR B 109 -0.60 35.26 7.87
C TYR B 109 -2.01 35.45 7.31
N PRO B 110 -3.03 35.32 8.17
CA PRO B 110 -4.42 35.28 7.66
C PRO B 110 -4.85 36.55 6.96
N ALA B 111 -4.26 37.70 7.30
CA ALA B 111 -4.69 38.98 6.73
C ALA B 111 -3.64 39.58 5.80
N SER B 112 -2.57 38.86 5.47
CA SER B 112 -1.51 39.46 4.67
C SER B 112 -1.88 39.48 3.19
N GLY B 113 -1.32 40.45 2.46
CA GLY B 113 -1.50 40.48 1.01
C GLY B 113 -2.94 40.67 0.59
N ALA B 114 -3.38 39.83 -0.35
CA ALA B 114 -4.72 39.94 -0.92
C ALA B 114 -5.82 39.41 -0.01
N GLY B 115 -5.47 38.87 1.15
CA GLY B 115 -6.49 38.40 2.08
C GLY B 115 -6.60 36.90 2.28
N ASP B 116 -7.83 36.42 2.38
CA ASP B 116 -8.11 35.05 2.81
C ASP B 116 -7.99 34.08 1.64
N LEU B 117 -7.11 33.08 1.78
CA LEU B 117 -7.00 32.06 0.76
C LEU B 117 -8.15 31.06 0.81
N PHE B 118 -8.83 30.93 1.95
CA PHE B 118 -9.81 29.84 2.14
C PHE B 118 -11.15 30.33 2.70
N PRO B 119 -11.79 31.31 2.05
CA PRO B 119 -13.14 31.69 2.50
C PRO B 119 -14.11 30.54 2.30
N PRO B 120 -15.16 30.45 3.10
CA PRO B 120 -16.16 29.39 2.90
C PRO B 120 -16.79 29.49 1.51
N GLN B 121 -16.77 28.37 0.77
CA GLN B 121 -17.46 28.32 -0.51
C GLN B 121 -17.81 26.88 -0.85
N LYS B 122 -18.81 26.71 -1.69
CA LYS B 122 -19.27 25.39 -2.11
C LYS B 122 -18.43 24.97 -3.31
N LEU B 123 -17.63 23.92 -3.16
CA LEU B 123 -16.82 23.38 -4.24
C LEU B 123 -17.40 22.03 -4.67
N ASP B 124 -18.56 22.10 -5.34
CA ASP B 124 -19.31 20.90 -5.71
C ASP B 124 -18.82 20.36 -7.05
N TYR B 125 -17.57 19.92 -7.03
CA TYR B 125 -16.94 19.25 -8.16
C TYR B 125 -16.76 17.78 -7.83
N ALA B 126 -17.26 16.91 -8.70
CA ALA B 126 -17.08 15.46 -8.61
C ALA B 126 -17.56 14.89 -7.27
N VAL B 127 -18.63 15.47 -6.71
CA VAL B 127 -19.17 14.98 -5.46
C VAL B 127 -19.61 13.53 -5.62
N GLY B 128 -19.08 12.64 -4.78
CA GLY B 128 -19.41 11.24 -4.86
C GLY B 128 -18.51 10.39 -5.75
N ARG B 129 -17.58 11.01 -6.50
CA ARG B 129 -16.64 10.24 -7.30
C ARG B 129 -15.87 9.24 -6.45
N ASP B 130 -15.55 9.61 -5.20
CA ASP B 130 -14.77 8.77 -4.29
C ASP B 130 -15.64 7.80 -3.50
N MET B 131 -16.81 7.41 -4.01
CA MET B 131 -17.78 6.66 -3.21
C MET B 131 -17.19 5.36 -2.66
N GLN B 132 -16.35 4.68 -3.44
CA GLN B 132 -15.72 3.46 -2.98
C GLN B 132 -14.92 3.69 -1.71
N GLN B 133 -14.25 4.84 -1.60
CA GLN B 133 -13.50 5.17 -0.39
C GLN B 133 -14.35 5.82 0.69
N LEU B 134 -15.52 6.36 0.35
CA LEU B 134 -16.43 6.81 1.41
C LEU B 134 -16.98 5.61 2.17
N LEU B 135 -17.31 4.54 1.45
CA LEU B 135 -17.83 3.35 2.09
C LEU B 135 -16.74 2.57 2.81
N PHE B 136 -15.50 2.60 2.30
CA PHE B 136 -14.39 1.88 2.90
C PHE B 136 -13.17 2.80 2.97
N PRO B 137 -13.16 3.74 3.91
CA PRO B 137 -12.07 4.72 3.99
C PRO B 137 -10.71 4.07 4.21
N LEU B 138 -9.69 4.65 3.56
CA LEU B 138 -8.31 4.27 3.84
C LEU B 138 -7.90 4.70 5.24
N SER B 139 -8.50 5.78 5.74
CA SER B 139 -8.36 6.17 7.14
C SER B 139 -9.58 7.01 7.47
N GLU B 140 -9.89 7.12 8.76
CA GLU B 140 -10.97 7.99 9.20
C GLU B 140 -10.47 9.33 9.68
N ILE B 141 -9.18 9.61 9.53
CA ILE B 141 -8.57 10.88 9.93
C ILE B 141 -8.87 11.87 8.81
N ARG B 142 -9.82 12.76 9.04
CA ARG B 142 -10.30 13.68 8.02
C ARG B 142 -9.76 15.08 8.26
N ALA B 143 -9.73 15.86 7.18
CA ALA B 143 -9.32 17.26 7.29
C ALA B 143 -10.29 18.03 8.18
N SER B 144 -9.80 19.15 8.70
CA SER B 144 -10.68 20.01 9.47
C SER B 144 -11.80 20.52 8.59
N PRO B 145 -12.99 20.73 9.14
CA PRO B 145 -13.97 21.57 8.45
C PRO B 145 -13.30 22.90 8.14
N GLU B 146 -13.96 23.71 7.32
CA GLU B 146 -13.37 24.95 6.81
C GLU B 146 -12.35 24.64 5.72
N LEU B 147 -11.58 23.55 5.87
CA LEU B 147 -10.65 23.16 4.83
C LEU B 147 -11.09 21.94 4.01
N ALA B 148 -12.01 21.13 4.54
CA ALA B 148 -12.28 19.81 3.96
C ALA B 148 -12.79 19.90 2.53
N ASP B 149 -13.58 20.94 2.22
CA ASP B 149 -14.09 21.08 0.85
C ASP B 149 -12.96 21.43 -0.11
N TYR B 150 -12.04 22.28 0.34
CA TYR B 150 -10.86 22.60 -0.44
C TYR B 150 -9.96 21.38 -0.61
N ALA B 151 -9.78 20.60 0.47
CA ALA B 151 -8.92 19.42 0.38
C ALA B 151 -9.48 18.41 -0.62
N ARG B 152 -10.80 18.21 -0.61
CA ARG B 152 -11.44 17.31 -1.57
C ARG B 152 -11.28 17.85 -3.00
N PHE B 153 -11.51 19.15 -3.18
CA PHE B 153 -11.28 19.80 -4.47
C PHE B 153 -9.84 19.59 -4.94
N ASN B 154 -8.87 19.75 -4.03
CA ASN B 154 -7.48 19.57 -4.44
C ASN B 154 -7.23 18.17 -4.96
N SER B 155 -7.71 17.15 -4.24
CA SER B 155 -7.47 15.76 -4.67
C SER B 155 -8.23 15.43 -5.95
N ASN B 156 -9.47 15.89 -6.09
CA ASN B 156 -10.24 15.58 -7.29
C ASN B 156 -9.65 16.27 -8.52
N VAL B 157 -9.25 17.55 -8.39
CA VAL B 157 -8.66 18.26 -9.52
C VAL B 157 -7.34 17.61 -9.92
N ASP B 158 -6.52 17.25 -8.91
CA ASP B 158 -5.23 16.63 -9.19
C ASP B 158 -5.39 15.32 -9.95
N ALA B 159 -6.32 14.47 -9.49
CA ALA B 159 -6.55 13.20 -10.17
C ALA B 159 -7.02 13.43 -11.60
N ALA B 160 -7.87 14.44 -11.82
CA ALA B 160 -8.47 14.64 -13.14
C ALA B 160 -7.43 15.12 -14.14
N PHE B 161 -6.55 16.05 -13.74
CA PHE B 161 -5.46 16.46 -14.62
C PHE B 161 -4.45 15.34 -14.82
N THR B 162 -4.23 14.51 -13.79
CA THR B 162 -3.29 13.40 -13.92
C THR B 162 -3.76 12.39 -14.97
N ALA B 163 -5.07 12.13 -15.04
CA ALA B 163 -5.63 11.23 -16.05
C ALA B 163 -5.42 11.75 -17.48
N HIS B 164 -5.07 13.03 -17.64
CA HIS B 164 -4.82 13.62 -18.95
C HIS B 164 -3.37 14.05 -19.11
N VAL B 165 -2.47 13.59 -18.23
CA VAL B 165 -1.10 14.08 -18.22
C VAL B 165 -0.34 13.59 -19.45
N GLY B 166 -0.84 12.54 -20.12
CA GLY B 166 -0.24 12.11 -21.37
C GLY B 166 -0.13 13.21 -22.39
N LEU B 167 -1.07 14.17 -22.39
CA LEU B 167 -1.00 15.29 -23.33
C LEU B 167 0.22 16.18 -23.10
N MET B 168 0.80 16.12 -21.90
CA MET B 168 1.89 17.02 -21.54
C MET B 168 3.25 16.36 -21.49
N VAL B 169 3.35 15.04 -21.70
CA VAL B 169 4.65 14.42 -21.53
C VAL B 169 5.60 14.86 -22.64
N HIS B 170 5.07 15.24 -23.81
CA HIS B 170 5.94 15.69 -24.90
C HIS B 170 6.69 16.96 -24.53
N GLY B 171 6.04 17.85 -23.76
CA GLY B 171 6.65 19.09 -23.37
C GLY B 171 7.42 19.08 -22.06
N LEU B 172 7.46 17.96 -21.35
CA LEU B 172 8.20 17.89 -20.09
C LEU B 172 9.68 18.06 -20.36
N PRO B 173 10.34 19.08 -19.78
CA PRO B 173 11.76 19.30 -20.08
C PRO B 173 12.63 18.12 -19.67
N LEU B 174 13.63 17.83 -20.51
CA LEU B 174 14.32 16.55 -20.39
C LEU B 174 15.82 16.62 -20.61
N ASP B 175 16.46 17.79 -20.45
CA ASP B 175 17.92 17.87 -20.37
C ASP B 175 18.60 17.27 -21.61
N PRO B 176 19.07 18.10 -22.53
CA PRO B 176 19.54 17.59 -23.83
C PRO B 176 20.85 16.82 -23.79
N ALA B 177 21.08 16.04 -22.75
CA ALA B 177 22.30 15.23 -22.68
C ALA B 177 21.92 13.80 -22.29
N THR B 178 20.87 13.68 -21.49
CA THR B 178 20.34 12.40 -21.06
C THR B 178 18.97 12.13 -21.67
N ALA B 179 18.49 13.03 -22.53
CA ALA B 179 17.12 12.95 -23.04
C ALA B 179 16.84 11.61 -23.71
N GLU B 180 17.78 11.16 -24.55
CA GLU B 180 17.53 9.95 -25.32
C GLU B 180 17.57 8.70 -24.43
N VAL B 181 18.47 8.67 -23.45
CA VAL B 181 18.56 7.49 -22.59
C VAL B 181 17.38 7.42 -21.63
N THR B 182 16.97 8.56 -21.06
CA THR B 182 15.78 8.56 -20.21
C THR B 182 14.52 8.31 -21.04
N LYS B 183 14.45 8.86 -22.25
CA LYS B 183 13.33 8.52 -23.13
C LYS B 183 13.25 7.02 -23.36
N ALA B 184 14.41 6.38 -23.51
CA ALA B 184 14.47 4.95 -23.76
C ALA B 184 14.26 4.12 -22.50
N GLU B 185 14.40 4.70 -21.31
CA GLU B 185 14.10 3.94 -20.11
C GLU B 185 12.61 3.96 -19.80
N PHE B 186 11.94 5.07 -20.09
CA PHE B 186 10.50 5.17 -19.86
C PHE B 186 9.75 4.19 -20.77
N VAL B 187 9.91 4.34 -22.09
CA VAL B 187 9.62 3.20 -22.95
C VAL B 187 10.50 2.07 -22.47
N ARG B 188 9.99 0.84 -22.52
CA ARG B 188 10.57 -0.37 -21.93
C ARG B 188 10.03 -0.59 -20.53
N ARG B 189 10.10 0.43 -19.67
CA ARG B 189 9.31 0.39 -18.44
C ARG B 189 7.83 0.27 -18.77
N ALA B 190 7.35 1.04 -19.74
CA ALA B 190 5.98 0.98 -20.21
C ALA B 190 5.76 -0.09 -21.28
N GLY B 191 6.57 -1.15 -21.27
CA GLY B 191 6.52 -2.23 -22.26
C GLY B 191 6.06 -1.82 -23.64
N LEU B 192 6.68 -0.79 -24.22
CA LEU B 192 6.22 -0.17 -25.45
C LEU B 192 7.34 -0.22 -26.48
N SER B 193 7.09 0.36 -27.67
CA SER B 193 7.99 0.19 -28.81
C SER B 193 8.65 1.47 -29.31
N SER B 194 7.99 2.61 -29.23
CA SER B 194 8.60 3.89 -29.60
C SER B 194 8.31 4.90 -28.51
N TRP B 195 8.88 6.10 -28.67
CA TRP B 195 8.51 7.19 -27.77
C TRP B 195 7.21 7.86 -28.20
N ASP B 196 6.83 7.72 -29.48
CA ASP B 196 5.58 8.31 -29.97
C ASP B 196 4.37 7.66 -29.29
N ASP B 197 4.24 6.34 -29.40
CA ASP B 197 3.46 5.65 -28.40
C ASP B 197 4.16 5.89 -27.07
N LEU B 198 3.53 6.67 -26.18
CA LEU B 198 4.01 7.17 -24.88
C LEU B 198 3.95 8.68 -24.86
N GLU B 199 4.27 9.33 -25.98
CA GLU B 199 4.12 10.77 -26.08
C GLU B 199 2.73 11.18 -26.60
N MET B 200 2.02 10.21 -27.17
CA MET B 200 0.62 10.30 -27.60
C MET B 200 0.46 11.05 -28.92
N VAL B 201 0.09 10.30 -29.94
CA VAL B 201 -0.05 10.79 -31.31
C VAL B 201 -1.35 10.24 -31.87
N GLY B 202 -1.78 10.80 -32.99
CA GLY B 202 -2.87 10.23 -33.74
C GLY B 202 -4.20 10.24 -33.00
N GLU B 203 -4.98 9.18 -33.20
CA GLU B 203 -6.34 9.14 -32.69
C GLU B 203 -6.36 9.11 -31.15
N ALA B 204 -5.40 8.42 -30.54
CA ALA B 204 -5.32 8.39 -29.08
C ALA B 204 -5.21 9.81 -28.52
N ARG B 205 -4.34 10.62 -29.13
CA ARG B 205 -4.19 11.99 -28.66
C ARG B 205 -5.46 12.78 -28.89
N ASP B 206 -6.11 12.58 -30.03
CA ASP B 206 -7.37 13.27 -30.31
C ASP B 206 -8.46 12.86 -29.34
N LYS B 207 -8.54 11.57 -29.00
CA LYS B 207 -9.54 11.13 -28.03
C LYS B 207 -9.23 11.69 -26.65
N MET B 208 -7.95 11.71 -26.27
CA MET B 208 -7.64 12.25 -24.96
C MET B 208 -7.86 13.76 -24.91
N MET B 209 -7.63 14.45 -26.03
CA MET B 209 -7.95 15.87 -26.10
C MET B 209 -9.45 16.09 -25.90
N GLN B 210 -10.27 15.27 -26.54
CA GLN B 210 -11.71 15.37 -26.35
C GLN B 210 -12.11 15.06 -24.91
N SER B 211 -11.52 14.01 -24.34
CA SER B 211 -11.71 13.76 -22.91
C SER B 211 -11.30 14.97 -22.08
N PHE B 212 -10.16 15.58 -22.42
CA PHE B 212 -9.65 16.72 -21.67
C PHE B 212 -10.67 17.86 -21.64
N ARG B 213 -11.27 18.16 -22.79
CA ARG B 213 -12.24 19.23 -22.90
C ARG B 213 -13.48 18.95 -22.06
N ASN B 214 -13.97 17.70 -22.10
CA ASN B 214 -15.09 17.31 -21.24
C ASN B 214 -14.75 17.49 -19.77
N MET B 215 -13.55 17.09 -19.37
CA MET B 215 -13.13 17.28 -17.99
C MET B 215 -13.17 18.75 -17.59
N LEU B 216 -12.63 19.61 -18.44
CA LEU B 216 -12.67 21.03 -18.13
C LEU B 216 -14.10 21.55 -18.13
N GLY B 217 -15.01 20.89 -18.86
CA GLY B 217 -16.39 21.35 -18.88
C GLY B 217 -17.07 21.19 -17.53
N ASP B 218 -16.83 20.06 -16.85
CA ASP B 218 -17.38 19.89 -15.51
C ASP B 218 -16.79 20.90 -14.54
N LEU B 219 -15.49 21.15 -14.65
CA LEU B 219 -14.88 22.20 -13.84
C LEU B 219 -15.50 23.55 -14.19
N ALA B 220 -15.78 23.78 -15.48
CA ALA B 220 -16.28 25.08 -15.90
C ALA B 220 -17.63 25.41 -15.28
N ALA B 221 -18.45 24.38 -15.01
CA ALA B 221 -19.72 24.59 -14.32
C ALA B 221 -19.55 25.42 -13.06
N LEU B 222 -18.50 25.14 -12.29
CA LEU B 222 -18.24 25.91 -11.08
C LEU B 222 -17.85 27.34 -11.40
N PHE B 223 -16.99 27.52 -12.42
CA PHE B 223 -16.51 28.85 -12.78
C PHE B 223 -17.56 29.67 -13.52
N ARG B 224 -18.70 29.07 -13.88
CA ARG B 224 -19.79 29.80 -14.49
C ARG B 224 -20.80 30.34 -13.48
N LYS B 225 -20.75 29.86 -12.24
CA LYS B 225 -21.76 30.24 -11.26
C LYS B 225 -21.74 31.74 -11.00
N ASP B 226 -20.56 32.36 -10.99
CA ASP B 226 -20.40 33.80 -10.75
C ASP B 226 -19.74 34.41 -11.98
N ALA B 227 -20.55 34.95 -12.89
CA ALA B 227 -20.03 35.51 -14.14
C ALA B 227 -19.45 36.91 -13.99
N SER B 228 -19.51 37.52 -12.80
CA SER B 228 -18.99 38.87 -12.61
C SER B 228 -17.47 38.94 -12.69
N GLY B 229 -16.79 37.79 -12.72
CA GLY B 229 -15.36 37.77 -12.78
C GLY B 229 -14.88 36.39 -13.17
N PRO B 230 -13.56 36.24 -13.36
CA PRO B 230 -13.02 34.97 -13.85
C PRO B 230 -12.75 33.92 -12.77
N PHE B 231 -12.77 34.29 -11.49
CA PHE B 231 -12.53 33.33 -10.42
C PHE B 231 -13.83 32.67 -9.97
N LEU B 232 -13.69 31.66 -9.12
CA LEU B 232 -14.87 30.96 -8.62
C LEU B 232 -15.83 31.93 -7.93
N LEU B 233 -15.29 32.85 -7.13
CA LEU B 233 -16.10 33.85 -6.43
C LEU B 233 -16.08 35.18 -7.16
N GLY B 234 -16.17 35.16 -8.49
CA GLY B 234 -16.25 36.36 -9.28
C GLY B 234 -14.92 37.07 -9.42
N GLN B 235 -14.79 38.24 -8.82
CA GLN B 235 -13.52 38.97 -8.84
C GLN B 235 -12.63 38.65 -7.64
N ARG B 236 -13.09 37.81 -6.73
CA ARG B 236 -12.31 37.44 -5.56
C ARG B 236 -11.58 36.13 -5.82
N ALA B 237 -10.26 36.14 -5.68
CA ALA B 237 -9.48 34.92 -5.89
C ALA B 237 -9.34 34.15 -4.58
N THR B 238 -9.30 32.81 -4.69
CA THR B 238 -9.11 31.93 -3.56
C THR B 238 -8.12 30.84 -3.94
N TYR B 239 -7.67 30.08 -2.94
CA TYR B 239 -6.75 28.98 -3.21
C TYR B 239 -7.35 27.96 -4.19
N ALA B 240 -8.68 27.80 -4.21
CA ALA B 240 -9.24 26.85 -5.18
C ALA B 240 -8.97 27.28 -6.60
N ASP B 241 -8.92 28.59 -6.86
CA ASP B 241 -8.56 29.04 -8.21
C ASP B 241 -7.12 28.72 -8.52
N MET B 242 -6.25 28.72 -7.50
CA MET B 242 -4.85 28.42 -7.71
C MET B 242 -4.60 26.93 -7.87
N ILE B 243 -5.46 26.09 -7.27
CA ILE B 243 -5.37 24.65 -7.49
C ILE B 243 -5.51 24.34 -8.99
N VAL B 244 -6.54 24.91 -9.62
CA VAL B 244 -6.68 24.78 -11.07
C VAL B 244 -5.60 25.56 -11.80
N GLY B 245 -5.27 26.76 -11.30
CA GLY B 245 -4.34 27.62 -12.01
C GLY B 245 -2.93 27.06 -12.13
N GLY B 246 -2.48 26.34 -11.10
CA GLY B 246 -1.16 25.73 -11.19
C GLY B 246 -1.09 24.69 -12.29
N TRP B 247 -2.17 23.94 -12.47
CA TRP B 247 -2.23 23.03 -13.60
C TRP B 247 -2.27 23.80 -14.92
N LEU B 248 -2.98 24.95 -14.95
CA LEU B 248 -2.99 25.77 -16.17
C LEU B 248 -1.60 26.29 -16.49
N ARG B 249 -0.77 26.56 -15.47
CA ARG B 249 0.59 27.00 -15.76
C ARG B 249 1.41 25.87 -16.36
N MET B 250 1.25 24.65 -15.85
CA MET B 250 1.99 23.56 -16.43
C MET B 250 1.55 23.29 -17.87
N MET B 251 0.26 23.49 -18.16
CA MET B 251 -0.23 23.33 -19.53
C MET B 251 0.43 24.34 -20.48
N ARG B 252 0.42 25.63 -20.10
CA ARG B 252 1.02 26.63 -20.97
C ARG B 252 2.47 26.32 -21.25
N ALA B 253 3.18 25.77 -20.25
CA ALA B 253 4.59 25.47 -20.42
C ALA B 253 4.83 24.22 -21.26
N THR B 254 3.90 23.25 -21.26
CA THR B 254 4.20 21.95 -21.82
C THR B 254 3.32 21.53 -23.00
N LEU B 255 2.16 22.15 -23.20
CA LEU B 255 1.35 21.74 -24.35
C LEU B 255 1.92 22.33 -25.65
N PRO B 256 1.71 21.68 -26.78
CA PRO B 256 1.93 22.39 -28.05
C PRO B 256 1.13 23.68 -28.04
N VAL B 257 1.72 24.72 -28.65
CA VAL B 257 1.10 26.04 -28.63
C VAL B 257 -0.34 25.97 -29.13
N SER B 258 -0.58 25.25 -30.22
CA SER B 258 -1.92 25.21 -30.79
C SER B 258 -2.93 24.59 -29.82
N GLU B 259 -2.53 23.55 -29.08
CA GLU B 259 -3.45 22.90 -28.13
C GLU B 259 -3.70 23.77 -26.91
N TRP B 260 -2.67 24.47 -26.43
CA TRP B 260 -2.91 25.46 -25.37
C TRP B 260 -3.88 26.53 -25.83
N GLN B 261 -3.80 26.94 -27.11
CA GLN B 261 -4.74 27.94 -27.60
C GLN B 261 -6.16 27.37 -27.63
N GLU B 262 -6.31 26.09 -27.97
CA GLU B 262 -7.64 25.49 -27.96
C GLU B 262 -8.20 25.43 -26.54
N ALA B 263 -7.42 24.88 -25.61
CA ALA B 263 -7.89 24.80 -24.23
C ALA B 263 -8.24 26.18 -23.68
N ARG B 264 -7.44 27.20 -24.02
CA ARG B 264 -7.75 28.58 -23.62
C ARG B 264 -9.14 29.00 -24.04
N ALA B 265 -9.59 28.55 -25.22
CA ALA B 265 -10.82 29.06 -25.80
C ALA B 265 -12.05 28.23 -25.46
N TRP B 266 -11.87 26.98 -25.02
CA TRP B 266 -13.00 26.09 -24.76
C TRP B 266 -13.94 26.71 -23.73
N HIS B 267 -15.20 26.27 -23.80
CA HIS B 267 -16.23 26.63 -22.82
C HIS B 267 -16.34 28.14 -22.67
N GLY B 268 -16.29 28.86 -23.80
CA GLY B 268 -16.35 30.30 -23.77
C GLY B 268 -15.15 30.97 -23.13
N GLY B 269 -13.97 30.37 -23.23
CA GLY B 269 -12.73 30.99 -22.79
C GLY B 269 -12.52 31.08 -21.30
N ILE B 270 -13.26 30.31 -20.49
CA ILE B 270 -13.20 30.43 -19.04
C ILE B 270 -11.79 30.25 -18.52
N PHE B 271 -11.09 29.24 -19.03
CA PHE B 271 -9.77 28.96 -18.46
C PHE B 271 -8.68 29.84 -19.03
N GLY B 272 -8.88 30.38 -20.24
CA GLY B 272 -8.02 31.48 -20.67
C GLY B 272 -8.15 32.69 -19.77
N ARG B 273 -9.38 33.06 -19.43
CA ARG B 273 -9.59 34.21 -18.55
C ARG B 273 -9.04 33.94 -17.15
N LEU B 274 -9.28 32.74 -16.61
CA LEU B 274 -8.74 32.42 -15.28
C LEU B 274 -7.22 32.51 -15.27
N HIS B 275 -6.58 31.90 -16.27
CA HIS B 275 -5.12 31.97 -16.37
C HIS B 275 -4.63 33.41 -16.38
N ASP B 276 -5.27 34.26 -17.20
CA ASP B 276 -4.85 35.65 -17.35
C ASP B 276 -5.00 36.42 -16.04
N ALA B 277 -6.10 36.20 -15.33
CA ALA B 277 -6.35 36.89 -14.08
C ALA B 277 -5.42 36.40 -12.95
N LEU B 278 -4.76 35.25 -13.12
CA LEU B 278 -3.77 34.79 -12.15
C LEU B 278 -2.37 35.32 -12.45
N ASP B 279 -2.16 35.95 -13.63
CA ASP B 279 -0.86 36.52 -13.96
C ASP B 279 -0.37 37.47 -12.87
N LYS B 280 -1.29 38.21 -12.23
CA LYS B 280 -0.87 39.10 -11.14
C LYS B 280 -0.35 38.38 -9.91
N TYR B 281 -0.52 37.06 -9.81
CA TYR B 281 0.09 36.32 -8.72
C TYR B 281 1.21 35.40 -9.19
N ALA B 282 1.67 35.57 -10.43
CA ALA B 282 2.56 34.59 -11.06
C ALA B 282 4.01 35.06 -11.16
N GLU B 283 4.38 36.12 -10.44
CA GLU B 283 5.77 36.56 -10.44
C GLU B 283 6.70 35.45 -9.94
N VAL B 284 7.78 35.23 -10.68
CA VAL B 284 8.77 34.23 -10.32
C VAL B 284 9.91 34.91 -9.56
N LYS B 285 9.66 35.24 -8.29
CA LYS B 285 10.72 35.73 -7.41
C LYS B 285 11.58 34.61 -6.85
N SER C 10 -25.02 -32.03 -0.10
CA SER C 10 -25.22 -30.71 0.50
C SER C 10 -25.22 -30.81 2.02
N THR C 11 -24.37 -31.68 2.56
CA THR C 11 -24.22 -31.63 4.00
C THR C 11 -22.80 -31.18 4.35
N PRO C 12 -21.75 -31.98 4.11
CA PRO C 12 -20.46 -31.69 4.75
C PRO C 12 -19.88 -30.36 4.33
N ILE C 13 -19.11 -29.76 5.24
CA ILE C 13 -18.34 -28.57 4.91
C ILE C 13 -17.29 -28.93 3.88
N ILE C 14 -17.11 -28.06 2.90
CA ILE C 14 -16.06 -28.20 1.90
C ILE C 14 -14.84 -27.41 2.34
N PHE C 15 -13.71 -28.11 2.52
CA PHE C 15 -12.45 -27.53 2.97
C PHE C 15 -11.48 -27.48 1.79
N TYR C 16 -11.18 -26.27 1.30
CA TYR C 16 -10.24 -26.04 0.20
C TYR C 16 -8.81 -25.97 0.77
N ASP C 17 -8.01 -27.01 0.50
CA ASP C 17 -6.65 -27.18 1.00
C ASP C 17 -5.68 -27.18 -0.18
N ILE C 18 -4.38 -27.16 0.12
CA ILE C 18 -3.35 -26.99 -0.90
C ILE C 18 -2.72 -28.35 -1.21
N ALA C 19 -2.89 -28.81 -2.45
CA ALA C 19 -2.37 -30.12 -2.85
C ALA C 19 -0.86 -30.10 -2.92
N GLN C 20 -0.24 -31.20 -2.48
CA GLN C 20 1.21 -31.39 -2.57
C GLN C 20 1.48 -32.72 -3.23
N ARG C 21 2.75 -32.97 -3.57
CA ARG C 21 3.13 -34.24 -4.17
C ARG C 21 2.83 -35.41 -3.24
N PRO C 22 2.57 -36.60 -3.79
CA PRO C 22 2.27 -37.75 -2.93
C PRO C 22 3.47 -38.15 -2.10
N PRO C 23 3.24 -38.69 -0.89
CA PRO C 23 1.93 -38.91 -0.27
C PRO C 23 1.43 -37.64 0.43
N VAL C 24 0.14 -37.29 0.39
CA VAL C 24 -0.32 -36.20 1.24
C VAL C 24 -0.19 -36.70 2.68
N ALA C 25 -0.75 -35.97 3.63
CA ALA C 25 -0.55 -36.29 5.04
C ALA C 25 0.91 -36.09 5.42
N GLU C 26 1.86 -36.50 4.57
CA GLU C 26 3.27 -36.34 4.87
C GLU C 26 3.89 -35.10 4.27
N THR C 27 3.39 -34.65 3.12
CA THR C 27 3.93 -33.49 2.45
C THR C 27 3.15 -32.22 2.71
N CYS C 28 1.87 -32.30 3.05
CA CYS C 28 1.09 -31.09 3.26
C CYS C 28 1.71 -30.28 4.38
N CYS C 29 1.88 -29.01 4.13
CA CYS C 29 2.81 -28.23 4.94
C CYS C 29 2.38 -26.78 5.14
N ALA C 30 1.31 -26.32 4.50
CA ALA C 30 0.98 -24.90 4.61
C ALA C 30 0.50 -24.60 6.03
N PRO C 31 1.07 -23.59 6.70
CA PRO C 31 0.74 -23.40 8.12
C PRO C 31 -0.71 -22.99 8.35
N ASN C 32 -1.24 -22.09 7.54
CA ASN C 32 -2.59 -21.63 7.83
C ASN C 32 -3.62 -22.72 7.56
N PRO C 33 -3.52 -23.51 6.49
CA PRO C 33 -4.45 -24.65 6.38
C PRO C 33 -4.34 -25.64 7.53
N TRP C 34 -3.12 -25.86 8.06
CA TRP C 34 -2.97 -26.74 9.21
C TRP C 34 -3.72 -26.23 10.43
N LYS C 35 -3.68 -24.91 10.67
CA LYS C 35 -4.44 -24.33 11.77
C LYS C 35 -5.92 -24.72 11.67
N SER C 36 -6.49 -24.57 10.47
CA SER C 36 -7.90 -24.84 10.27
C SER C 36 -8.21 -26.33 10.32
N ARG C 37 -7.35 -27.16 9.71
CA ARG C 37 -7.51 -28.61 9.85
C ARG C 37 -7.57 -29.01 11.32
N LEU C 38 -6.69 -28.45 12.17
CA LEU C 38 -6.76 -28.79 13.58
C LEU C 38 -8.10 -28.36 14.15
N ALA C 39 -8.54 -27.14 13.84
CA ALA C 39 -9.80 -26.62 14.36
C ALA C 39 -10.99 -27.45 13.91
N LEU C 40 -11.05 -27.78 12.61
CA LEU C 40 -12.12 -28.64 12.11
C LEU C 40 -12.16 -29.98 12.85
N ASN C 41 -11.01 -30.64 12.97
CA ASN C 41 -11.02 -31.94 13.65
C ASN C 41 -11.42 -31.80 15.12
N PHE C 42 -10.98 -30.71 15.76
CA PHE C 42 -11.32 -30.47 17.15
C PHE C 42 -12.83 -30.31 17.30
N LYS C 43 -13.45 -29.55 16.39
CA LYS C 43 -14.88 -29.29 16.51
C LYS C 43 -15.74 -30.46 16.04
N ALA C 44 -15.15 -31.42 15.33
CA ALA C 44 -15.84 -32.62 14.88
C ALA C 44 -17.04 -32.27 13.99
N VAL C 45 -16.96 -31.17 13.26
CA VAL C 45 -17.98 -30.87 12.25
C VAL C 45 -17.64 -31.66 10.98
N PRO C 46 -18.59 -32.36 10.36
CA PRO C 46 -18.25 -33.12 9.16
C PRO C 46 -17.76 -32.21 8.04
N TYR C 47 -16.63 -32.58 7.44
CA TYR C 47 -16.11 -31.83 6.31
C TYR C 47 -15.42 -32.80 5.36
N THR C 48 -15.25 -32.38 4.12
CA THR C 48 -14.42 -33.09 3.16
C THR C 48 -13.43 -32.11 2.55
N THR C 49 -12.28 -32.64 2.14
CA THR C 49 -11.21 -31.81 1.59
C THR C 49 -11.25 -31.81 0.07
N THR C 50 -11.19 -30.62 -0.51
CA THR C 50 -10.88 -30.45 -1.91
C THR C 50 -9.43 -29.98 -2.01
N TRP C 51 -8.59 -30.83 -2.61
CA TRP C 51 -7.17 -30.56 -2.76
C TRP C 51 -6.96 -29.72 -4.01
N VAL C 52 -6.60 -28.45 -3.85
CA VAL C 52 -6.46 -27.51 -4.95
C VAL C 52 -5.07 -27.61 -5.56
N LYS C 53 -5.03 -27.86 -6.88
CA LYS C 53 -3.79 -27.98 -7.62
C LYS C 53 -3.38 -26.62 -8.19
N LEU C 54 -2.15 -26.22 -7.90
CA LEU C 54 -1.54 -24.97 -8.32
C LEU C 54 -0.16 -25.28 -8.86
N PRO C 55 0.33 -24.51 -9.83
CA PRO C 55 1.72 -24.66 -10.24
C PRO C 55 2.64 -24.18 -9.13
N ASP C 56 3.87 -24.71 -9.11
CA ASP C 56 4.87 -24.16 -8.19
C ASP C 56 4.97 -22.67 -8.46
N ILE C 57 5.57 -21.93 -7.54
CA ILE C 57 5.55 -20.47 -7.53
C ILE C 57 4.18 -20.02 -7.04
N GLU C 58 3.11 -20.32 -7.78
CA GLU C 58 1.79 -19.95 -7.25
C GLU C 58 1.53 -20.66 -5.92
N ARG C 59 1.94 -21.92 -5.82
CA ARG C 59 1.74 -22.67 -4.57
C ARG C 59 2.62 -22.13 -3.45
N VAL C 60 3.89 -21.87 -3.75
CA VAL C 60 4.77 -21.30 -2.73
C VAL C 60 4.20 -19.99 -2.20
N CYS C 61 3.61 -19.21 -3.09
CA CYS C 61 2.97 -17.95 -2.69
C CYS C 61 1.72 -18.20 -1.84
N LYS C 62 0.82 -19.07 -2.29
CA LYS C 62 -0.37 -19.35 -1.51
C LYS C 62 -0.03 -19.96 -0.14
N GLU C 63 1.10 -20.66 -0.04
CA GLU C 63 1.52 -21.29 1.22
C GLU C 63 2.11 -20.28 2.18
N ILE C 64 3.15 -19.59 1.74
CA ILE C 64 3.84 -18.56 2.50
C ILE C 64 3.89 -17.34 1.59
N GLY C 65 4.00 -16.17 2.19
CA GLY C 65 3.85 -15.02 1.32
C GLY C 65 2.86 -14.02 1.87
N ALA C 66 3.28 -12.76 1.88
CA ALA C 66 2.57 -11.71 2.59
C ALA C 66 1.13 -11.63 2.13
N GLU C 67 0.23 -11.48 3.09
CA GLU C 67 -1.16 -11.14 2.81
C GLU C 67 -1.23 -9.66 2.45
N PRO C 68 -2.28 -9.24 1.69
CA PRO C 68 -2.38 -7.85 1.24
C PRO C 68 -2.06 -6.73 2.23
N SER C 69 -2.15 -6.98 3.54
CA SER C 69 -1.83 -6.02 4.62
C SER C 69 -1.28 -4.65 4.21
N LEU C 74 -10.55 -6.56 9.38
CA LEU C 74 -11.61 -7.55 9.60
C LEU C 74 -12.18 -7.99 8.24
N LYS C 75 -12.94 -9.09 8.23
CA LYS C 75 -13.44 -9.59 6.95
C LYS C 75 -14.52 -8.69 6.35
N GLU C 76 -15.14 -7.83 7.16
CA GLU C 76 -16.16 -6.92 6.64
C GLU C 76 -15.57 -5.79 5.80
N GLY C 77 -14.25 -5.60 5.84
CA GLY C 77 -13.60 -4.60 5.01
C GLY C 77 -12.58 -5.18 4.05
N LYS C 78 -12.61 -6.50 3.86
CA LYS C 78 -11.76 -7.24 2.94
C LYS C 78 -12.61 -7.75 1.79
N PRO C 79 -12.29 -7.44 0.54
CA PRO C 79 -12.99 -8.07 -0.59
C PRO C 79 -12.39 -9.39 -1.06
N TYR C 80 -11.44 -9.97 -0.33
CA TYR C 80 -10.69 -11.13 -0.80
C TYR C 80 -10.63 -12.22 0.27
N TYR C 81 -10.29 -13.42 -0.19
CA TYR C 81 -10.10 -14.61 0.60
C TYR C 81 -8.69 -15.12 0.36
N THR C 82 -8.10 -15.71 1.40
CA THR C 82 -6.88 -16.50 1.32
C THR C 82 -7.20 -17.94 1.69
N LEU C 83 -6.31 -18.86 1.27
CA LEU C 83 -6.44 -20.26 1.66
C LEU C 83 -5.97 -20.43 3.10
N PRO C 84 -6.62 -21.28 3.88
CA PRO C 84 -7.72 -22.17 3.51
C PRO C 84 -9.05 -21.46 3.35
N ILE C 85 -9.98 -22.09 2.63
CA ILE C 85 -11.35 -21.58 2.50
C ILE C 85 -12.31 -22.72 2.81
N ILE C 86 -13.35 -22.43 3.60
CA ILE C 86 -14.44 -23.38 3.81
C ILE C 86 -15.73 -22.79 3.25
N HIS C 87 -16.53 -23.65 2.64
CA HIS C 87 -17.93 -23.37 2.37
C HIS C 87 -18.75 -24.28 3.26
N ASP C 88 -19.65 -23.68 4.05
CA ASP C 88 -20.53 -24.46 4.90
C ASP C 88 -21.91 -24.46 4.28
N PRO C 89 -22.37 -25.58 3.71
CA PRO C 89 -23.73 -25.63 3.15
C PRO C 89 -24.82 -25.30 4.15
N ALA C 90 -24.60 -25.58 5.44
CA ALA C 90 -25.64 -25.38 6.44
C ALA C 90 -26.09 -23.93 6.52
N THR C 91 -25.16 -22.99 6.31
CA THR C 91 -25.43 -21.57 6.39
C THR C 91 -25.15 -20.83 5.08
N ASP C 92 -24.60 -21.51 4.08
CA ASP C 92 -24.12 -20.90 2.83
C ASP C 92 -23.04 -19.86 3.07
N SER C 93 -22.24 -20.04 4.11
CA SER C 93 -21.12 -19.15 4.36
C SER C 93 -19.91 -19.60 3.56
N LEU C 94 -19.12 -18.62 3.13
CA LEU C 94 -17.83 -18.86 2.53
C LEU C 94 -16.82 -18.05 3.32
N ILE C 95 -15.83 -18.72 3.91
CA ILE C 95 -14.90 -18.08 4.84
C ILE C 95 -13.47 -18.43 4.45
N GLY C 96 -12.69 -17.41 4.14
CA GLY C 96 -11.25 -17.53 4.03
C GLY C 96 -10.61 -17.02 5.31
N ASP C 97 -9.29 -17.12 5.37
CA ASP C 97 -8.54 -16.70 6.55
C ASP C 97 -8.72 -17.69 7.70
N SER C 98 -7.62 -18.33 8.10
CA SER C 98 -7.67 -19.33 9.16
C SER C 98 -8.37 -18.80 10.41
N PHE C 99 -8.11 -17.55 10.77
CA PHE C 99 -8.67 -17.04 12.02
C PHE C 99 -10.19 -16.92 11.92
N ASP C 100 -10.67 -16.33 10.83
CA ASP C 100 -12.12 -16.18 10.63
C ASP C 100 -12.82 -17.54 10.58
N ILE C 101 -12.16 -18.56 10.03
CA ILE C 101 -12.74 -19.90 10.01
C ILE C 101 -12.91 -20.42 11.44
N ALA C 102 -11.88 -20.29 12.27
CA ALA C 102 -11.98 -20.74 13.66
C ALA C 102 -13.10 -20.01 14.39
N ALA C 103 -13.18 -18.69 14.22
CA ALA C 103 -14.24 -17.92 14.85
C ALA C 103 -15.61 -18.36 14.35
N TYR C 104 -15.74 -18.60 13.05
CA TYR C 104 -17.02 -19.05 12.51
C TYR C 104 -17.43 -20.38 13.14
N LEU C 105 -16.49 -21.34 13.17
CA LEU C 105 -16.83 -22.66 13.70
C LEU C 105 -17.31 -22.57 15.15
N GLN C 106 -16.62 -21.79 15.99
CA GLN C 106 -17.04 -21.70 17.39
C GLN C 106 -18.36 -20.96 17.53
N ARG C 107 -18.55 -19.91 16.74
CA ARG C 107 -19.79 -19.15 16.80
C ARG C 107 -20.96 -19.98 16.27
N THR C 108 -20.73 -20.78 15.24
CA THR C 108 -21.81 -21.55 14.61
C THR C 108 -22.06 -22.90 15.27
N TYR C 109 -21.02 -23.55 15.77
CA TYR C 109 -21.15 -24.87 16.38
C TYR C 109 -20.56 -24.84 17.78
N PRO C 110 -21.10 -24.00 18.67
CA PRO C 110 -20.43 -23.80 19.97
C PRO C 110 -20.34 -25.05 20.82
N ALA C 111 -21.29 -26.00 20.69
CA ALA C 111 -21.32 -27.19 21.53
C ALA C 111 -20.70 -28.43 20.88
N SER C 112 -20.24 -28.36 19.63
CA SER C 112 -19.77 -29.56 18.97
C SER C 112 -18.31 -29.89 19.36
N GLY C 113 -17.96 -31.16 19.21
CA GLY C 113 -16.56 -31.55 19.30
C GLY C 113 -16.03 -31.52 20.72
N ALA C 114 -14.75 -31.20 20.85
CA ALA C 114 -14.07 -31.24 22.14
C ALA C 114 -14.33 -30.01 23.01
N GLY C 115 -15.12 -29.05 22.53
CA GLY C 115 -15.46 -27.89 23.33
C GLY C 115 -15.20 -26.53 22.70
N ASP C 116 -14.82 -25.57 23.56
CA ASP C 116 -14.70 -24.16 23.20
C ASP C 116 -13.33 -23.89 22.60
N LEU C 117 -13.31 -23.36 21.37
CA LEU C 117 -12.04 -22.90 20.79
C LEU C 117 -11.52 -21.63 21.43
N PHE C 118 -12.37 -20.79 22.04
CA PHE C 118 -11.96 -19.45 22.45
C PHE C 118 -12.39 -19.07 23.87
N PRO C 119 -12.05 -19.88 24.89
CA PRO C 119 -12.31 -19.43 26.27
C PRO C 119 -11.43 -18.25 26.62
N PRO C 120 -11.88 -17.35 27.50
CA PRO C 120 -11.04 -16.22 27.92
C PRO C 120 -9.71 -16.72 28.47
N GLN C 121 -8.63 -16.06 28.07
CA GLN C 121 -7.34 -16.31 28.68
C GLN C 121 -6.41 -15.17 28.32
N LYS C 122 -5.39 -14.97 29.15
CA LYS C 122 -4.36 -14.02 28.85
C LYS C 122 -3.36 -14.64 27.87
N LEU C 123 -3.08 -13.92 26.80
CA LEU C 123 -2.11 -14.34 25.80
C LEU C 123 -1.04 -13.25 25.69
N ASP C 124 -0.24 -13.10 26.74
CA ASP C 124 0.68 -11.97 26.85
C ASP C 124 2.00 -12.29 26.15
N TYR C 125 1.93 -12.31 24.82
CA TYR C 125 3.06 -12.60 23.97
C TYR C 125 3.38 -11.37 23.14
N ALA C 126 4.68 -11.08 23.02
CA ALA C 126 5.17 -9.99 22.19
C ALA C 126 4.50 -8.65 22.54
N VAL C 127 4.30 -8.41 23.84
CA VAL C 127 3.64 -7.17 24.26
C VAL C 127 4.52 -5.97 23.87
N GLY C 128 3.94 -5.01 23.16
CA GLY C 128 4.63 -3.80 22.77
C GLY C 128 5.46 -3.91 21.50
N ARG C 129 5.48 -5.08 20.85
CA ARG C 129 6.25 -5.22 19.61
C ARG C 129 5.71 -4.34 18.49
N ASP C 130 4.43 -3.97 18.53
CA ASP C 130 3.79 -3.24 17.45
C ASP C 130 3.68 -1.75 17.76
N MET C 131 4.58 -1.26 18.63
CA MET C 131 4.43 0.09 19.19
C MET C 131 4.29 1.13 18.10
N GLN C 132 5.07 1.02 17.03
CA GLN C 132 5.02 1.98 15.94
C GLN C 132 3.61 2.09 15.36
N GLN C 133 2.90 0.96 15.19
CA GLN C 133 1.53 1.02 14.70
C GLN C 133 0.54 1.43 15.79
N LEU C 134 0.85 1.16 17.06
CA LEU C 134 -0.08 1.50 18.14
C LEU C 134 -0.20 3.01 18.32
N LEU C 135 0.88 3.75 18.08
CA LEU C 135 0.82 5.20 18.19
C LEU C 135 0.23 5.86 16.94
N PHE C 136 0.29 5.19 15.79
CA PHE C 136 -0.22 5.73 14.53
C PHE C 136 -1.00 4.65 13.81
N PRO C 137 -2.27 4.43 14.20
CA PRO C 137 -3.14 3.32 13.75
C PRO C 137 -3.25 3.15 12.22
N SER C 144 -11.95 -6.99 17.11
CA SER C 144 -13.19 -7.42 17.77
C SER C 144 -12.92 -7.80 19.22
N PRO C 145 -13.75 -7.34 20.16
CA PRO C 145 -13.59 -7.75 21.56
C PRO C 145 -13.80 -9.25 21.68
N GLU C 146 -13.51 -9.77 22.87
CA GLU C 146 -13.69 -11.21 23.14
C GLU C 146 -12.74 -12.08 22.33
N LEU C 147 -12.45 -11.71 21.09
CA LEU C 147 -11.44 -12.41 20.30
C LEU C 147 -10.15 -11.62 20.14
N ALA C 148 -10.08 -10.39 20.68
CA ALA C 148 -8.96 -9.50 20.37
C ALA C 148 -7.62 -10.09 20.79
N ASP C 149 -7.55 -10.71 21.97
CA ASP C 149 -6.29 -11.29 22.42
C ASP C 149 -5.85 -12.44 21.50
N TYR C 150 -6.80 -13.29 21.09
CA TYR C 150 -6.47 -14.37 20.17
C TYR C 150 -6.00 -13.81 18.83
N ALA C 151 -6.67 -12.76 18.31
CA ALA C 151 -6.29 -12.22 17.00
C ALA C 151 -4.92 -11.59 17.04
N ARG C 152 -4.60 -10.91 18.14
CA ARG C 152 -3.26 -10.34 18.29
C ARG C 152 -2.22 -11.45 18.40
N PHE C 153 -2.55 -12.51 19.15
CA PHE C 153 -1.66 -13.67 19.24
C PHE C 153 -1.43 -14.29 17.86
N ASN C 154 -2.50 -14.47 17.11
CA ASN C 154 -2.35 -15.02 15.75
C ASN C 154 -1.37 -14.19 14.95
N SER C 155 -1.55 -12.87 14.97
CA SER C 155 -0.73 -12.01 14.12
C SER C 155 0.73 -11.96 14.61
N ASN C 156 0.95 -11.98 15.93
CA ASN C 156 2.32 -11.94 16.45
C ASN C 156 3.05 -13.26 16.23
N VAL C 157 2.37 -14.39 16.45
CA VAL C 157 2.98 -15.69 16.19
C VAL C 157 3.31 -15.82 14.71
N ASP C 158 2.39 -15.39 13.84
CA ASP C 158 2.67 -15.48 12.41
C ASP C 158 3.91 -14.68 12.04
N ALA C 159 4.03 -13.47 12.58
CA ALA C 159 5.16 -12.61 12.25
C ALA C 159 6.46 -13.23 12.76
N ALA C 160 6.42 -13.84 13.94
CA ALA C 160 7.63 -14.44 14.50
C ALA C 160 8.13 -15.60 13.64
N PHE C 161 7.23 -16.51 13.27
CA PHE C 161 7.66 -17.65 12.46
C PHE C 161 8.06 -17.21 11.06
N THR C 162 7.34 -16.23 10.51
CA THR C 162 7.65 -15.76 9.16
C THR C 162 9.05 -15.16 9.08
N ALA C 163 9.49 -14.48 10.14
CA ALA C 163 10.85 -13.98 10.17
C ALA C 163 11.87 -15.10 10.05
N HIS C 164 11.50 -16.33 10.43
CA HIS C 164 12.38 -17.49 10.31
C HIS C 164 11.98 -18.46 9.20
N VAL C 165 11.13 -18.02 8.26
CA VAL C 165 10.67 -18.94 7.21
C VAL C 165 11.81 -19.40 6.29
N GLY C 166 12.94 -18.67 6.27
CA GLY C 166 14.08 -19.11 5.49
C GLY C 166 14.64 -20.46 5.90
N LEU C 167 14.41 -20.89 7.15
CA LEU C 167 14.84 -22.24 7.54
C LEU C 167 14.08 -23.31 6.79
N MET C 168 12.84 -23.02 6.40
CA MET C 168 11.96 -24.04 5.84
C MET C 168 11.86 -23.98 4.33
N VAL C 169 12.43 -22.94 3.70
CA VAL C 169 12.17 -22.73 2.27
C VAL C 169 12.77 -23.86 1.43
N HIS C 170 14.01 -24.27 1.75
CA HIS C 170 14.70 -25.29 0.96
C HIS C 170 13.94 -26.61 0.95
N GLY C 171 13.15 -26.88 1.99
CA GLY C 171 12.37 -28.09 2.14
C GLY C 171 10.95 -28.03 1.62
N LEU C 172 10.54 -26.94 0.98
CA LEU C 172 9.18 -26.87 0.45
C LEU C 172 9.01 -27.89 -0.68
N PRO C 173 7.93 -28.66 -0.69
CA PRO C 173 7.76 -29.67 -1.75
C PRO C 173 7.50 -29.02 -3.10
N LEU C 174 8.17 -29.54 -4.13
CA LEU C 174 8.02 -29.06 -5.50
C LEU C 174 7.65 -30.23 -6.40
N ASP C 175 6.67 -30.03 -7.28
CA ASP C 175 6.28 -31.08 -8.22
C ASP C 175 7.51 -31.54 -9.02
N PRO C 176 7.84 -32.83 -8.98
CA PRO C 176 9.07 -33.32 -9.65
C PRO C 176 9.19 -32.92 -11.11
N ALA C 177 8.07 -32.78 -11.82
CA ALA C 177 8.10 -32.46 -13.25
C ALA C 177 8.48 -31.02 -13.52
N THR C 178 8.22 -30.11 -12.58
CA THR C 178 8.52 -28.70 -12.76
C THR C 178 9.65 -28.19 -11.88
N ALA C 179 10.18 -29.04 -10.98
CA ALA C 179 11.10 -28.57 -9.94
C ALA C 179 12.24 -27.75 -10.53
N GLU C 180 12.90 -28.29 -11.57
CA GLU C 180 14.06 -27.60 -12.16
C GLU C 180 13.69 -26.19 -12.61
N VAL C 181 12.62 -26.07 -13.39
CA VAL C 181 12.23 -24.77 -13.93
C VAL C 181 11.93 -23.78 -12.81
N THR C 182 11.26 -24.23 -11.75
CA THR C 182 10.90 -23.30 -10.69
C THR C 182 12.12 -22.88 -9.87
N LYS C 183 13.01 -23.82 -9.53
CA LYS C 183 14.23 -23.44 -8.82
C LYS C 183 15.05 -22.44 -9.65
N ALA C 184 15.23 -22.74 -10.94
CA ALA C 184 15.90 -21.80 -11.83
C ALA C 184 15.28 -20.39 -11.75
N GLU C 185 13.96 -20.32 -11.59
CA GLU C 185 13.29 -19.02 -11.56
C GLU C 185 13.53 -18.28 -10.24
N PHE C 186 13.36 -18.98 -9.11
CA PHE C 186 13.55 -18.34 -7.81
C PHE C 186 14.98 -17.84 -7.65
N VAL C 187 15.95 -18.60 -8.16
CA VAL C 187 17.33 -18.15 -8.24
C VAL C 187 17.44 -16.90 -9.10
N ARG C 188 16.84 -16.95 -10.29
CA ARG C 188 16.83 -15.81 -11.21
C ARG C 188 16.18 -14.58 -10.60
N ARG C 189 15.39 -14.76 -9.53
CA ARG C 189 14.88 -13.62 -8.76
C ARG C 189 15.73 -13.30 -7.54
N ALA C 190 16.53 -14.25 -7.07
CA ALA C 190 17.24 -14.12 -5.81
C ALA C 190 18.74 -13.95 -5.96
N GLY C 191 19.27 -13.95 -7.18
CA GLY C 191 20.72 -13.97 -7.35
C GLY C 191 21.33 -15.33 -7.03
N LEU C 192 21.53 -15.59 -5.74
CA LEU C 192 22.12 -16.82 -5.17
C LEU C 192 21.98 -18.05 -6.07
N SER C 193 23.12 -18.60 -6.52
CA SER C 193 23.21 -19.30 -7.81
C SER C 193 22.41 -20.60 -7.88
N SER C 194 22.36 -21.39 -6.82
CA SER C 194 21.65 -22.66 -6.88
C SER C 194 20.53 -22.69 -5.83
N TRP C 195 19.55 -23.56 -6.05
CA TRP C 195 18.47 -23.72 -5.08
C TRP C 195 19.03 -24.12 -3.72
N ASP C 196 20.05 -24.97 -3.70
CA ASP C 196 20.68 -25.37 -2.44
C ASP C 196 21.31 -24.21 -1.69
N ASP C 197 21.52 -23.07 -2.37
CA ASP C 197 22.01 -21.88 -1.67
C ASP C 197 20.99 -21.33 -0.69
N LEU C 198 19.70 -21.61 -0.88
CA LEU C 198 18.69 -21.20 0.08
C LEU C 198 18.77 -22.02 1.37
N GLU C 199 19.61 -23.05 1.43
CA GLU C 199 19.87 -23.67 2.72
C GLU C 199 20.70 -22.78 3.63
N MET C 200 21.41 -21.79 3.07
CA MET C 200 22.23 -20.84 3.84
C MET C 200 23.30 -21.57 4.64
N VAL C 201 23.77 -22.69 4.11
CA VAL C 201 24.55 -23.63 4.91
C VAL C 201 25.76 -22.95 5.52
N GLY C 202 26.00 -23.22 6.80
CA GLY C 202 27.12 -22.62 7.51
C GLY C 202 26.70 -21.54 8.48
N GLU C 203 27.35 -20.38 8.39
CA GLU C 203 27.16 -19.34 9.41
C GLU C 203 25.74 -18.78 9.38
N ALA C 204 25.21 -18.54 8.19
CA ALA C 204 23.91 -17.88 8.10
C ALA C 204 22.79 -18.75 8.65
N ARG C 205 22.85 -20.07 8.42
CA ARG C 205 21.81 -20.94 8.96
C ARG C 205 21.96 -21.11 10.46
N ASP C 206 23.20 -21.28 10.96
CA ASP C 206 23.40 -21.35 12.41
C ASP C 206 22.84 -20.11 13.10
N LYS C 207 23.08 -18.93 12.52
CA LYS C 207 22.58 -17.69 13.14
C LYS C 207 21.06 -17.67 13.14
N MET C 208 20.42 -18.04 12.02
CA MET C 208 18.97 -18.04 12.00
C MET C 208 18.41 -19.13 12.92
N MET C 209 19.10 -20.26 13.05
CA MET C 209 18.65 -21.33 13.96
C MET C 209 18.77 -20.91 15.43
N GLN C 210 19.84 -20.22 15.80
CA GLN C 210 19.93 -19.69 17.16
C GLN C 210 18.83 -18.67 17.44
N SER C 211 18.56 -17.82 16.45
CA SER C 211 17.51 -16.83 16.60
C SER C 211 16.16 -17.52 16.70
N PHE C 212 15.96 -18.57 15.91
CA PHE C 212 14.74 -19.37 15.98
C PHE C 212 14.56 -19.98 17.36
N ARG C 213 15.63 -20.55 17.92
CA ARG C 213 15.58 -21.10 19.28
C ARG C 213 15.18 -20.03 20.30
N ASN C 214 15.77 -18.84 20.19
CA ASN C 214 15.45 -17.77 21.14
C ASN C 214 14.00 -17.32 21.00
N MET C 215 13.51 -17.19 19.77
CA MET C 215 12.10 -16.87 19.58
C MET C 215 11.20 -17.89 20.25
N LEU C 216 11.53 -19.18 20.09
CA LEU C 216 10.69 -20.22 20.65
C LEU C 216 10.74 -20.23 22.18
N GLY C 217 11.86 -19.81 22.76
CA GLY C 217 11.94 -19.72 24.21
C GLY C 217 11.04 -18.64 24.78
N ASP C 218 10.92 -17.52 24.07
CA ASP C 218 9.98 -16.46 24.48
C ASP C 218 8.55 -16.97 24.41
N LEU C 219 8.20 -17.61 23.29
CA LEU C 219 6.88 -18.23 23.16
C LEU C 219 6.65 -19.30 24.22
N ALA C 220 7.65 -20.18 24.42
CA ALA C 220 7.56 -21.25 25.41
C ALA C 220 7.20 -20.74 26.80
N ALA C 221 7.55 -19.49 27.13
CA ALA C 221 7.22 -18.99 28.45
C ALA C 221 5.71 -19.03 28.71
N LEU C 222 4.89 -18.85 27.67
CA LEU C 222 3.45 -18.98 27.83
C LEU C 222 3.05 -20.42 28.07
N PHE C 223 3.71 -21.36 27.41
CA PHE C 223 3.30 -22.75 27.54
C PHE C 223 3.79 -23.40 28.81
N ARG C 224 4.62 -22.73 29.60
CA ARG C 224 5.14 -23.28 30.86
C ARG C 224 4.48 -22.72 32.11
N LYS C 225 3.48 -21.85 31.99
CA LYS C 225 2.83 -21.36 33.21
C LYS C 225 1.92 -22.42 33.85
N ASP C 226 1.21 -23.19 33.03
CA ASP C 226 0.36 -24.28 33.53
C ASP C 226 1.04 -25.62 33.26
N ALA C 227 1.70 -26.16 34.27
CA ALA C 227 2.41 -27.42 34.19
C ALA C 227 1.49 -28.65 34.20
N SER C 228 0.18 -28.49 34.23
CA SER C 228 -0.72 -29.63 34.37
C SER C 228 -1.05 -30.30 33.04
N GLY C 229 -0.49 -29.84 31.93
CA GLY C 229 -0.77 -30.43 30.65
C GLY C 229 0.02 -29.75 29.55
N PRO C 230 -0.09 -30.27 28.32
CA PRO C 230 0.74 -29.74 27.22
C PRO C 230 0.24 -28.44 26.62
N PHE C 231 -1.02 -28.07 26.83
CA PHE C 231 -1.58 -26.89 26.18
C PHE C 231 -1.41 -25.67 27.06
N LEU C 232 -1.67 -24.49 26.48
CA LEU C 232 -1.64 -23.25 27.24
C LEU C 232 -2.45 -23.37 28.52
N LEU C 233 -3.64 -23.98 28.43
CA LEU C 233 -4.51 -24.16 29.58
C LEU C 233 -4.44 -25.57 30.15
N GLY C 234 -3.25 -26.19 30.11
CA GLY C 234 -3.05 -27.50 30.70
C GLY C 234 -3.64 -28.62 29.86
N GLN C 235 -4.65 -29.30 30.38
CA GLN C 235 -5.27 -30.39 29.62
C GLN C 235 -6.25 -29.88 28.57
N ARG C 236 -6.67 -28.63 28.65
CA ARG C 236 -7.69 -28.10 27.77
C ARG C 236 -7.00 -27.43 26.59
N ALA C 237 -7.35 -27.85 25.38
CA ALA C 237 -6.80 -27.25 24.17
C ALA C 237 -7.69 -26.08 23.73
N THR C 238 -7.06 -25.11 23.05
CA THR C 238 -7.78 -23.94 22.52
C THR C 238 -7.20 -23.60 21.15
N TYR C 239 -7.82 -22.64 20.46
CA TYR C 239 -7.29 -22.29 19.15
C TYR C 239 -5.91 -21.64 19.25
N ALA C 240 -5.59 -21.01 20.38
CA ALA C 240 -4.24 -20.47 20.53
C ALA C 240 -3.20 -21.58 20.46
N ASP C 241 -3.52 -22.75 21.00
CA ASP C 241 -2.61 -23.89 20.85
C ASP C 241 -2.46 -24.28 19.38
N MET C 242 -3.55 -24.20 18.61
CA MET C 242 -3.49 -24.60 17.21
C MET C 242 -2.85 -23.54 16.35
N ILE C 243 -2.83 -22.29 16.81
CA ILE C 243 -2.09 -21.26 16.09
C ILE C 243 -0.61 -21.61 16.06
N VAL C 244 -0.06 -21.99 17.23
CA VAL C 244 1.33 -22.46 17.26
C VAL C 244 1.45 -23.82 16.56
N GLY C 245 0.49 -24.72 16.81
CA GLY C 245 0.57 -26.07 16.26
C GLY C 245 0.62 -26.12 14.73
N GLY C 246 -0.10 -25.23 14.06
CA GLY C 246 -0.04 -25.22 12.61
C GLY C 246 1.36 -24.94 12.09
N TRP C 247 2.07 -24.02 12.74
CA TRP C 247 3.46 -23.77 12.36
C TRP C 247 4.35 -24.98 12.68
N LEU C 248 4.04 -25.70 13.75
CA LEU C 248 4.83 -26.89 14.07
C LEU C 248 4.62 -27.97 13.00
N ARG C 249 3.39 -28.11 12.51
CA ARG C 249 3.16 -29.07 11.41
C ARG C 249 3.97 -28.68 10.18
N MET C 250 4.09 -27.38 9.90
CA MET C 250 4.88 -27.01 8.72
C MET C 250 6.35 -27.29 8.96
N MET C 251 6.87 -26.99 10.16
CA MET C 251 8.25 -27.34 10.47
C MET C 251 8.52 -28.83 10.25
N ARG C 252 7.64 -29.68 10.76
CA ARG C 252 7.84 -31.12 10.64
C ARG C 252 7.88 -31.56 9.18
N ALA C 253 7.10 -30.92 8.33
CA ALA C 253 7.08 -31.32 6.92
C ALA C 253 8.25 -30.75 6.12
N THR C 254 8.91 -29.67 6.58
CA THR C 254 9.86 -28.98 5.72
C THR C 254 11.27 -28.86 6.28
N LEU C 255 11.48 -29.04 7.61
CA LEU C 255 12.83 -29.02 8.14
C LEU C 255 13.49 -30.38 7.94
N PRO C 256 14.81 -30.41 7.75
CA PRO C 256 15.51 -31.69 7.82
C PRO C 256 15.25 -32.36 9.16
N VAL C 257 15.35 -33.69 9.16
CA VAL C 257 15.00 -34.48 10.34
C VAL C 257 15.80 -34.04 11.57
N SER C 258 17.09 -33.72 11.40
CA SER C 258 17.90 -33.39 12.58
C SER C 258 17.46 -32.08 13.21
N GLU C 259 17.06 -31.10 12.40
CA GLU C 259 16.63 -29.82 12.93
C GLU C 259 15.25 -29.91 13.58
N TRP C 260 14.34 -30.72 13.01
CA TRP C 260 13.06 -30.99 13.66
C TRP C 260 13.28 -31.70 15.00
N GLN C 261 14.15 -32.70 15.02
CA GLN C 261 14.45 -33.37 16.29
C GLN C 261 15.00 -32.38 17.31
N GLU C 262 15.96 -31.55 16.92
CA GLU C 262 16.47 -30.51 17.81
C GLU C 262 15.35 -29.62 18.34
N ALA C 263 14.46 -29.16 17.44
CA ALA C 263 13.41 -28.20 17.82
C ALA C 263 12.39 -28.80 18.77
N ARG C 264 12.01 -30.06 18.54
CA ARG C 264 11.14 -30.78 19.47
C ARG C 264 11.71 -30.77 20.88
N ALA C 265 13.03 -30.71 21.02
CA ALA C 265 13.66 -30.98 22.30
C ALA C 265 14.14 -29.71 23.02
N TRP C 266 14.24 -28.59 22.32
CA TRP C 266 14.53 -27.32 22.98
C TRP C 266 13.51 -27.01 24.06
N HIS C 267 13.93 -26.22 25.03
CA HIS C 267 13.09 -25.68 26.10
C HIS C 267 12.31 -26.78 26.82
N GLY C 268 13.04 -27.81 27.25
CA GLY C 268 12.43 -28.90 28.00
C GLY C 268 11.50 -29.79 27.17
N GLY C 269 11.55 -29.69 25.85
CA GLY C 269 10.68 -30.50 25.02
C GLY C 269 9.27 -29.97 24.87
N ILE C 270 9.04 -28.70 25.21
CA ILE C 270 7.68 -28.18 25.34
C ILE C 270 6.94 -28.21 24.00
N PHE C 271 7.63 -27.91 22.90
CA PHE C 271 6.94 -27.90 21.61
C PHE C 271 6.85 -29.29 21.03
N GLY C 272 7.78 -30.18 21.40
CA GLY C 272 7.58 -31.58 21.11
C GLY C 272 6.31 -32.13 21.73
N ARG C 273 6.08 -31.81 23.01
CA ARG C 273 4.90 -32.34 23.66
C ARG C 273 3.63 -31.68 23.15
N LEU C 274 3.70 -30.39 22.78
CA LEU C 274 2.51 -29.72 22.21
C LEU C 274 2.12 -30.38 20.89
N HIS C 275 3.12 -30.62 20.03
CA HIS C 275 2.89 -31.27 18.75
C HIS C 275 2.26 -32.65 18.91
N ASP C 276 2.82 -33.47 19.81
CA ASP C 276 2.27 -34.83 19.98
C ASP C 276 0.85 -34.79 20.48
N ALA C 277 0.55 -33.85 21.40
CA ALA C 277 -0.79 -33.72 21.96
C ALA C 277 -1.80 -33.22 20.94
N LEU C 278 -1.33 -32.52 19.91
CA LEU C 278 -2.21 -32.12 18.82
C LEU C 278 -2.43 -33.24 17.80
N ASP C 279 -1.68 -34.34 17.89
CA ASP C 279 -1.82 -35.43 16.93
C ASP C 279 -3.25 -35.91 16.83
N LYS C 280 -3.97 -35.93 17.96
CA LYS C 280 -5.34 -36.42 17.92
C LYS C 280 -6.25 -35.50 17.12
N TYR C 281 -5.84 -34.24 16.85
CA TYR C 281 -6.63 -33.35 16.01
C TYR C 281 -6.06 -33.22 14.59
N ALA C 282 -5.08 -34.04 14.23
CA ALA C 282 -4.32 -33.81 13.01
C ALA C 282 -4.65 -34.78 11.87
N GLU C 283 -5.79 -35.48 11.94
CA GLU C 283 -6.13 -36.41 10.87
C GLU C 283 -6.26 -35.67 9.56
N VAL C 284 -5.60 -36.17 8.52
CA VAL C 284 -5.73 -35.59 7.17
C VAL C 284 -6.88 -36.34 6.49
N LYS C 285 -8.10 -35.91 6.81
CA LYS C 285 -9.34 -36.34 6.14
C LYS C 285 -9.57 -35.55 4.84
N SER D 10 31.24 30.67 2.08
CA SER D 10 29.94 31.13 2.56
C SER D 10 28.78 30.44 1.84
N THR D 11 28.98 29.19 1.43
CA THR D 11 27.94 28.36 0.83
C THR D 11 27.84 27.02 1.57
N PRO D 12 27.62 27.04 2.88
CA PRO D 12 27.57 25.77 3.63
C PRO D 12 26.30 24.98 3.34
N ILE D 13 26.41 23.67 3.54
CA ILE D 13 25.25 22.80 3.46
C ILE D 13 24.25 23.21 4.52
N ILE D 14 22.96 23.18 4.19
CA ILE D 14 21.90 23.38 5.18
C ILE D 14 21.39 22.02 5.62
N PHE D 15 21.44 21.77 6.93
CA PHE D 15 21.04 20.50 7.53
C PHE D 15 19.73 20.73 8.29
N TYR D 16 18.64 20.12 7.80
CA TYR D 16 17.35 20.25 8.48
C TYR D 16 17.23 19.13 9.50
N ASP D 17 17.24 19.48 10.79
CA ASP D 17 17.23 18.57 11.92
C ASP D 17 15.96 18.83 12.74
N ILE D 18 15.73 18.02 13.77
CA ILE D 18 14.46 18.02 14.49
C ILE D 18 14.67 18.69 15.83
N ALA D 19 13.99 19.82 16.05
CA ALA D 19 14.09 20.51 17.33
C ALA D 19 13.44 19.71 18.44
N GLN D 20 14.09 19.66 19.61
CA GLN D 20 13.50 19.12 20.83
C GLN D 20 13.49 20.19 21.92
N ARG D 21 13.07 19.82 23.13
CA ARG D 21 13.02 20.76 24.24
C ARG D 21 14.40 21.41 24.44
N PRO D 22 14.46 22.69 24.80
CA PRO D 22 15.76 23.38 24.84
C PRO D 22 16.64 22.83 25.95
N PRO D 23 17.97 22.90 25.78
CA PRO D 23 18.71 23.44 24.62
C PRO D 23 18.77 22.42 23.48
N VAL D 24 18.30 22.80 22.28
CA VAL D 24 18.12 21.86 21.17
C VAL D 24 19.41 21.13 20.82
N ALA D 25 20.57 21.66 21.24
CA ALA D 25 21.84 20.99 20.95
C ALA D 25 22.19 19.92 21.99
N GLU D 26 21.51 19.88 23.14
CA GLU D 26 21.84 18.91 24.15
C GLU D 26 20.81 17.78 24.24
N THR D 27 19.69 17.91 23.55
CA THR D 27 18.60 16.96 23.73
C THR D 27 18.21 16.25 22.43
N CYS D 28 18.83 16.59 21.31
CA CYS D 28 18.47 15.99 20.04
C CYS D 28 18.59 14.47 20.13
N CYS D 29 17.66 13.77 19.48
CA CYS D 29 17.55 12.33 19.71
C CYS D 29 16.98 11.55 18.54
N ALA D 30 16.63 12.18 17.43
CA ALA D 30 16.09 11.40 16.31
C ALA D 30 17.20 10.56 15.69
N PRO D 31 16.97 9.26 15.47
CA PRO D 31 18.09 8.40 15.04
C PRO D 31 18.58 8.66 13.62
N ASN D 32 17.69 8.88 12.66
CA ASN D 32 18.20 9.06 11.31
C ASN D 32 18.93 10.38 11.18
N PRO D 33 18.46 11.46 11.79
CA PRO D 33 19.29 12.68 11.83
C PRO D 33 20.66 12.46 12.47
N TRP D 34 20.72 11.67 13.56
CA TRP D 34 22.01 11.40 14.19
C TRP D 34 22.97 10.71 13.23
N LYS D 35 22.47 9.74 12.43
CA LYS D 35 23.32 9.08 11.44
C LYS D 35 23.95 10.11 10.52
N SER D 36 23.14 11.03 10.00
CA SER D 36 23.62 12.02 9.04
C SER D 36 24.55 13.03 9.71
N ARG D 37 24.25 13.40 10.97
CA ARG D 37 25.15 14.30 11.69
C ARG D 37 26.53 13.68 11.88
N LEU D 38 26.58 12.40 12.28
CA LEU D 38 27.85 11.70 12.37
C LEU D 38 28.58 11.73 11.04
N ALA D 39 27.86 11.40 9.94
CA ALA D 39 28.49 11.39 8.62
C ALA D 39 29.02 12.77 8.24
N LEU D 40 28.21 13.81 8.47
CA LEU D 40 28.63 15.17 8.12
C LEU D 40 29.88 15.56 8.87
N ASN D 41 29.91 15.29 10.18
CA ASN D 41 31.09 15.59 10.99
C ASN D 41 32.30 14.76 10.56
N PHE D 42 32.10 13.48 10.26
CA PHE D 42 33.18 12.64 9.76
C PHE D 42 33.79 13.23 8.49
N LYS D 43 32.96 13.68 7.56
CA LYS D 43 33.47 14.19 6.30
C LYS D 43 33.96 15.63 6.41
N ALA D 44 33.73 16.30 7.55
CA ALA D 44 34.22 17.65 7.79
C ALA D 44 33.77 18.64 6.72
N VAL D 45 32.64 18.39 6.08
CA VAL D 45 32.11 19.35 5.10
C VAL D 45 31.34 20.44 5.86
N PRO D 46 31.61 21.71 5.61
CA PRO D 46 30.93 22.77 6.37
C PRO D 46 29.42 22.71 6.21
N TYR D 47 28.71 22.80 7.34
CA TYR D 47 27.25 22.80 7.32
C TYR D 47 26.72 23.62 8.48
N THR D 48 25.46 24.02 8.38
CA THR D 48 24.75 24.66 9.50
C THR D 48 23.39 24.02 9.67
N THR D 49 22.95 23.92 10.93
CA THR D 49 21.69 23.24 11.23
C THR D 49 20.53 24.23 11.27
N THR D 50 19.42 23.87 10.61
CA THR D 50 18.15 24.52 10.85
C THR D 50 17.32 23.58 11.72
N TRP D 51 16.97 24.02 12.93
CA TRP D 51 16.22 23.19 13.86
C TRP D 51 14.73 23.32 13.59
N VAL D 52 14.15 22.32 12.94
CA VAL D 52 12.74 22.37 12.53
C VAL D 52 11.85 22.15 13.74
N LYS D 53 10.92 23.07 13.97
CA LYS D 53 10.02 23.01 15.12
C LYS D 53 8.71 22.35 14.70
N LEU D 54 8.27 21.37 15.48
CA LEU D 54 7.06 20.59 15.20
C LEU D 54 6.28 20.42 16.50
N PRO D 55 4.95 20.38 16.43
CA PRO D 55 4.19 19.96 17.61
C PRO D 55 4.49 18.50 17.94
N ASP D 56 4.23 18.13 19.21
CA ASP D 56 4.30 16.72 19.58
C ASP D 56 3.38 15.96 18.62
N ILE D 57 3.60 14.67 18.49
CA ILE D 57 2.82 13.79 17.61
C ILE D 57 3.41 13.91 16.22
N GLU D 58 3.33 15.11 15.61
CA GLU D 58 4.00 15.25 14.32
C GLU D 58 5.50 15.07 14.46
N ARG D 59 6.09 15.64 15.52
CA ARG D 59 7.51 15.41 15.79
C ARG D 59 7.78 13.94 16.04
N VAL D 60 6.97 13.30 16.90
CA VAL D 60 7.12 11.85 17.11
C VAL D 60 7.00 11.11 15.79
N CYS D 61 6.03 11.49 14.95
CA CYS D 61 5.91 10.83 13.64
C CYS D 61 7.15 11.05 12.79
N LYS D 62 7.65 12.29 12.75
CA LYS D 62 8.84 12.54 11.95
C LYS D 62 10.07 11.81 12.46
N GLU D 63 10.13 11.46 13.76
CA GLU D 63 11.31 10.84 14.41
C GLU D 63 11.32 9.32 14.29
N ILE D 64 10.21 8.68 14.62
CA ILE D 64 10.06 7.24 14.48
C ILE D 64 8.82 7.01 13.63
N GLY D 65 8.30 5.80 13.56
CA GLY D 65 7.11 5.78 12.72
C GLY D 65 7.39 5.66 11.25
N ALA D 66 6.51 4.94 10.55
CA ALA D 66 6.86 4.28 9.31
C ALA D 66 6.83 5.22 8.11
N GLU D 67 7.82 5.08 7.25
CA GLU D 67 8.01 5.72 5.96
C GLU D 67 7.21 4.95 4.92
N PRO D 68 6.67 5.62 3.87
CA PRO D 68 5.89 4.95 2.81
C PRO D 68 6.52 3.65 2.26
N LEU D 73 12.31 2.24 -4.68
CA LEU D 73 13.18 2.01 -3.53
C LEU D 73 14.35 3.00 -3.58
N LEU D 74 14.54 3.61 -4.73
CA LEU D 74 15.57 4.62 -4.97
C LEU D 74 14.94 6.00 -5.09
N LYS D 75 15.79 7.03 -5.03
CA LYS D 75 15.30 8.41 -5.16
C LYS D 75 14.53 8.61 -6.47
N GLU D 76 15.04 8.06 -7.57
CA GLU D 76 14.24 7.93 -8.78
C GLU D 76 13.13 6.93 -8.50
N GLY D 77 11.91 7.42 -8.34
CA GLY D 77 10.79 6.57 -7.92
C GLY D 77 10.18 6.96 -6.60
N LYS D 78 10.85 7.78 -5.80
CA LYS D 78 10.27 8.33 -4.58
C LYS D 78 9.99 9.80 -4.79
N PRO D 79 8.74 10.25 -4.71
CA PRO D 79 8.44 11.70 -4.81
C PRO D 79 8.53 12.46 -3.49
N TYR D 80 9.02 11.82 -2.43
CA TYR D 80 8.99 12.43 -1.10
C TYR D 80 10.38 12.41 -0.45
N TYR D 81 10.48 13.18 0.64
CA TYR D 81 11.68 13.36 1.45
C TYR D 81 11.31 13.07 2.90
N THR D 82 12.25 12.53 3.65
CA THR D 82 12.10 12.40 5.10
C THR D 82 13.24 13.17 5.76
N LEU D 83 13.06 13.52 7.03
CA LEU D 83 14.14 14.13 7.79
C LEU D 83 15.16 13.07 8.19
N PRO D 84 16.47 13.40 8.19
CA PRO D 84 17.07 14.69 7.82
C PRO D 84 17.01 14.98 6.32
N ILE D 85 17.03 16.27 5.99
CA ILE D 85 17.19 16.77 4.63
C ILE D 85 18.39 17.70 4.60
N ILE D 86 19.21 17.61 3.55
CA ILE D 86 20.24 18.59 3.27
C ILE D 86 19.94 19.28 1.95
N HIS D 87 20.27 20.56 1.89
CA HIS D 87 20.45 21.26 0.63
C HIS D 87 21.94 21.61 0.51
N ASP D 88 22.57 21.14 -0.55
CA ASP D 88 23.95 21.52 -0.78
C ASP D 88 23.97 22.59 -1.86
N PRO D 89 24.28 23.84 -1.54
CA PRO D 89 24.34 24.88 -2.59
C PRO D 89 25.38 24.59 -3.66
N ALA D 90 26.41 23.81 -3.36
CA ALA D 90 27.47 23.61 -4.35
C ALA D 90 26.96 22.90 -5.59
N THR D 91 26.00 21.98 -5.42
CA THR D 91 25.44 21.23 -6.54
C THR D 91 23.94 21.45 -6.70
N ASP D 92 23.35 22.33 -5.90
CA ASP D 92 21.90 22.54 -5.82
C ASP D 92 21.11 21.25 -5.63
N SER D 93 21.68 20.32 -4.88
CA SER D 93 21.00 19.07 -4.56
C SER D 93 20.18 19.24 -3.29
N LEU D 94 18.98 18.66 -3.29
CA LEU D 94 18.16 18.50 -2.11
C LEU D 94 18.01 17.00 -1.86
N ILE D 95 18.46 16.53 -0.70
CA ILE D 95 18.51 15.10 -0.41
C ILE D 95 17.81 14.84 0.92
N GLY D 96 16.76 14.02 0.87
CA GLY D 96 16.19 13.41 2.04
C GLY D 96 16.72 11.99 2.15
N ASP D 97 16.25 11.29 3.15
CA ASP D 97 16.72 9.92 3.41
C ASP D 97 18.21 9.91 3.82
N SER D 98 18.45 9.48 5.05
CA SER D 98 19.80 9.54 5.60
C SER D 98 20.78 8.72 4.76
N PHE D 99 20.35 7.56 4.24
CA PHE D 99 21.31 6.75 3.48
C PHE D 99 21.76 7.47 2.21
N ASP D 100 20.83 8.08 1.47
CA ASP D 100 21.21 8.82 0.27
C ASP D 100 22.10 10.01 0.61
N ILE D 101 21.90 10.61 1.79
CA ILE D 101 22.76 11.70 2.22
C ILE D 101 24.20 11.22 2.39
N ALA D 102 24.38 10.08 3.07
CA ALA D 102 25.73 9.55 3.24
C ALA D 102 26.37 9.22 1.89
N ALA D 103 25.62 8.55 1.02
CA ALA D 103 26.14 8.19 -0.30
C ALA D 103 26.51 9.44 -1.08
N TYR D 104 25.68 10.48 -1.03
CA TYR D 104 25.98 11.73 -1.70
C TYR D 104 27.28 12.35 -1.17
N LEU D 105 27.43 12.40 0.15
CA LEU D 105 28.62 13.03 0.72
C LEU D 105 29.88 12.33 0.26
N GLN D 106 29.86 10.98 0.23
CA GLN D 106 31.06 10.24 -0.14
C GLN D 106 31.36 10.38 -1.62
N ARG D 107 30.34 10.44 -2.48
CA ARG D 107 30.58 10.62 -3.91
C ARG D 107 31.07 12.04 -4.22
N THR D 108 30.46 13.05 -3.57
CA THR D 108 30.76 14.44 -3.91
C THR D 108 32.07 14.91 -3.29
N TYR D 109 32.38 14.44 -2.08
CA TYR D 109 33.55 14.89 -1.33
C TYR D 109 34.34 13.66 -0.88
N PRO D 110 34.84 12.86 -1.83
CA PRO D 110 35.37 11.53 -1.46
C PRO D 110 36.60 11.57 -0.58
N ALA D 111 37.45 12.57 -0.74
CA ALA D 111 38.67 12.65 0.04
C ALA D 111 38.51 13.43 1.34
N SER D 112 37.38 14.09 1.54
CA SER D 112 37.25 15.04 2.64
C SER D 112 37.19 14.35 3.99
N GLY D 113 37.71 15.05 5.01
CA GLY D 113 37.54 14.61 6.39
C GLY D 113 38.36 13.37 6.72
N ALA D 114 37.76 12.47 7.50
CA ALA D 114 38.45 11.27 7.97
C ALA D 114 38.44 10.13 6.96
N GLY D 115 38.06 10.39 5.71
CA GLY D 115 38.24 9.40 4.66
C GLY D 115 36.98 8.80 4.09
N ASP D 116 37.02 7.51 3.80
CA ASP D 116 35.99 6.82 3.04
C ASP D 116 34.86 6.36 3.96
N LEU D 117 33.63 6.75 3.63
CA LEU D 117 32.48 6.25 4.40
C LEU D 117 32.10 4.82 4.03
N PHE D 118 32.48 4.35 2.84
CA PHE D 118 31.90 3.12 2.28
C PHE D 118 32.95 2.17 1.70
N PRO D 119 33.99 1.81 2.45
CA PRO D 119 34.93 0.82 1.94
C PRO D 119 34.28 -0.56 1.88
N PRO D 120 34.70 -1.41 0.94
CA PRO D 120 34.10 -2.75 0.86
C PRO D 120 34.31 -3.54 2.15
N GLN D 121 33.26 -4.20 2.62
CA GLN D 121 33.37 -5.08 3.78
C GLN D 121 32.23 -6.09 3.73
N LYS D 122 32.13 -6.91 4.76
CA LYS D 122 31.14 -7.98 4.79
C LYS D 122 30.14 -7.69 5.90
N LEU D 123 28.98 -7.13 5.53
CA LEU D 123 27.91 -6.79 6.48
C LEU D 123 26.88 -7.93 6.52
N ASP D 124 27.30 -9.03 7.12
CA ASP D 124 26.51 -10.27 7.17
C ASP D 124 25.51 -10.29 8.32
N TYR D 125 24.72 -9.23 8.48
CA TYR D 125 23.67 -9.22 9.48
C TYR D 125 22.39 -9.73 8.84
N ALA D 126 21.68 -10.59 9.55
CA ALA D 126 20.30 -10.95 9.18
C ALA D 126 20.21 -11.60 7.80
N VAL D 127 21.16 -12.48 7.48
CA VAL D 127 21.13 -13.13 6.18
C VAL D 127 19.90 -14.03 6.11
N GLY D 128 19.07 -13.82 5.09
CA GLY D 128 17.88 -14.62 4.85
C GLY D 128 16.63 -14.18 5.58
N ARG D 129 16.70 -13.12 6.40
CA ARG D 129 15.52 -12.70 7.16
C ARG D 129 14.43 -12.18 6.25
N ASP D 130 14.81 -11.64 5.10
CA ASP D 130 13.89 -11.07 4.12
C ASP D 130 13.39 -12.10 3.11
N MET D 131 13.41 -13.39 3.49
CA MET D 131 13.21 -14.48 2.55
C MET D 131 11.92 -14.33 1.73
N GLN D 132 10.84 -13.94 2.41
CA GLN D 132 9.55 -13.72 1.75
C GLN D 132 9.67 -12.77 0.57
N GLN D 133 10.35 -11.63 0.77
CA GLN D 133 10.42 -10.60 -0.25
C GLN D 133 11.58 -10.80 -1.22
N LEU D 134 12.44 -11.79 -0.97
CA LEU D 134 13.47 -12.16 -1.91
C LEU D 134 12.94 -13.13 -2.97
N LEU D 135 11.95 -13.95 -2.62
CA LEU D 135 11.40 -14.93 -3.54
C LEU D 135 10.31 -14.35 -4.44
N PHE D 136 9.69 -13.25 -4.03
CA PHE D 136 8.59 -12.61 -4.76
C PHE D 136 8.87 -11.12 -4.87
N PRO D 137 9.77 -10.72 -5.79
CA PRO D 137 10.10 -9.32 -6.04
C PRO D 137 9.16 -8.68 -7.07
N ILE D 141 12.83 -5.49 -9.40
CA ILE D 141 13.35 -4.33 -8.68
C ILE D 141 14.75 -3.98 -9.18
N ARG D 142 15.34 -2.93 -8.61
CA ARG D 142 16.65 -2.44 -9.01
C ARG D 142 17.75 -2.89 -8.04
N ALA D 143 17.61 -2.51 -6.76
CA ALA D 143 18.58 -2.77 -5.69
C ALA D 143 19.91 -2.05 -5.98
N SER D 144 20.27 -1.15 -5.07
CA SER D 144 21.41 -0.23 -5.08
C SER D 144 22.45 -0.49 -6.17
N PRO D 145 22.53 0.35 -7.20
CA PRO D 145 23.62 0.21 -8.17
C PRO D 145 24.99 0.31 -7.54
N GLU D 146 25.09 0.95 -6.38
CA GLU D 146 26.28 0.94 -5.53
C GLU D 146 25.82 0.78 -4.10
N LEU D 147 26.71 0.25 -3.24
CA LEU D 147 26.51 0.23 -1.80
C LEU D 147 25.40 -0.73 -1.36
N ALA D 148 25.14 -1.80 -2.14
CA ALA D 148 24.02 -2.68 -1.82
C ALA D 148 24.17 -3.31 -0.43
N ASP D 149 25.39 -3.79 -0.09
CA ASP D 149 25.67 -4.36 1.23
C ASP D 149 25.33 -3.39 2.36
N TYR D 150 25.66 -2.11 2.19
CA TYR D 150 25.35 -1.13 3.23
C TYR D 150 23.87 -0.79 3.26
N ALA D 151 23.23 -0.75 2.09
CA ALA D 151 21.80 -0.42 2.04
C ALA D 151 20.98 -1.50 2.71
N ARG D 152 21.31 -2.76 2.44
CA ARG D 152 20.62 -3.83 3.16
C ARG D 152 20.84 -3.74 4.66
N PHE D 153 22.08 -3.51 5.10
CA PHE D 153 22.37 -3.37 6.52
C PHE D 153 21.54 -2.25 7.13
N ASN D 154 21.44 -1.11 6.42
CA ASN D 154 20.64 0.01 6.90
C ASN D 154 19.18 -0.39 7.12
N SER D 155 18.57 -1.07 6.14
CA SER D 155 17.17 -1.46 6.30
C SER D 155 17.02 -2.44 7.44
N ASN D 156 17.91 -3.42 7.52
CA ASN D 156 17.80 -4.46 8.54
C ASN D 156 18.03 -3.90 9.94
N VAL D 157 18.98 -2.96 10.09
CA VAL D 157 19.21 -2.40 11.42
C VAL D 157 18.03 -1.54 11.84
N ASP D 158 17.53 -0.71 10.93
CA ASP D 158 16.37 0.13 11.20
C ASP D 158 15.18 -0.71 11.63
N ALA D 159 14.89 -1.77 10.88
CA ALA D 159 13.75 -2.63 11.22
C ALA D 159 13.92 -3.26 12.59
N ALA D 160 15.14 -3.69 12.92
CA ALA D 160 15.37 -4.39 14.19
C ALA D 160 15.24 -3.45 15.39
N PHE D 161 15.81 -2.25 15.31
CA PHE D 161 15.62 -1.28 16.38
C PHE D 161 14.16 -0.85 16.50
N THR D 162 13.49 -0.64 15.35
CA THR D 162 12.10 -0.20 15.38
C THR D 162 11.22 -1.20 16.14
N ALA D 163 11.46 -2.49 15.95
CA ALA D 163 10.74 -3.53 16.69
C ALA D 163 10.90 -3.38 18.20
N HIS D 164 11.90 -2.64 18.68
CA HIS D 164 12.11 -2.41 20.10
C HIS D 164 11.89 -0.97 20.53
N VAL D 165 11.20 -0.15 19.73
CA VAL D 165 11.08 1.26 20.13
C VAL D 165 10.13 1.43 21.28
N GLY D 166 9.27 0.44 21.57
CA GLY D 166 8.52 0.46 22.81
C GLY D 166 9.36 0.79 24.04
N LEU D 167 10.64 0.41 24.02
CA LEU D 167 11.51 0.72 25.16
C LEU D 167 11.83 2.20 25.26
N MET D 168 11.70 2.94 24.16
CA MET D 168 12.14 4.32 24.13
C MET D 168 11.01 5.33 24.14
N VAL D 169 9.76 4.88 23.98
CA VAL D 169 8.64 5.80 23.82
C VAL D 169 8.48 6.66 25.07
N HIS D 170 8.53 6.05 26.24
CA HIS D 170 8.32 6.80 27.48
C HIS D 170 9.32 7.93 27.65
N GLY D 171 10.48 7.82 27.01
CA GLY D 171 11.55 8.78 27.14
C GLY D 171 11.64 9.83 26.06
N LEU D 172 10.72 9.85 25.11
CA LEU D 172 10.75 10.83 24.03
C LEU D 172 10.42 12.22 24.57
N PRO D 173 11.18 13.26 24.19
CA PRO D 173 10.87 14.61 24.67
C PRO D 173 9.52 15.11 24.19
N LEU D 174 8.76 15.67 25.13
CA LEU D 174 7.50 16.33 24.82
C LEU D 174 7.55 17.79 25.27
N ASP D 175 6.69 18.60 24.66
CA ASP D 175 6.54 19.99 25.05
C ASP D 175 5.74 20.09 26.33
N PRO D 176 6.26 20.76 27.36
CA PRO D 176 5.53 20.76 28.65
C PRO D 176 4.14 21.33 28.58
N ALA D 177 3.94 22.38 27.77
CA ALA D 177 2.63 22.99 27.65
C ALA D 177 1.63 22.12 26.88
N THR D 178 2.10 21.04 26.23
CA THR D 178 1.22 20.14 25.53
C THR D 178 1.40 18.68 25.91
N ALA D 179 2.33 18.36 26.82
CA ALA D 179 2.65 16.97 27.11
C ALA D 179 1.42 16.20 27.60
N GLU D 180 0.60 16.81 28.45
CA GLU D 180 -0.54 16.10 29.02
C GLU D 180 -1.57 15.77 27.94
N VAL D 181 -1.93 16.75 27.12
CA VAL D 181 -2.89 16.49 26.04
C VAL D 181 -2.36 15.44 25.08
N THR D 182 -1.08 15.55 24.69
CA THR D 182 -0.56 14.60 23.71
C THR D 182 -0.38 13.21 24.32
N LYS D 183 0.02 13.13 25.59
CA LYS D 183 0.13 11.82 26.22
C LYS D 183 -1.24 11.17 26.36
N ALA D 184 -2.27 11.96 26.71
CA ALA D 184 -3.62 11.44 26.73
C ALA D 184 -4.06 10.96 25.36
N GLU D 185 -3.79 11.76 24.31
CA GLU D 185 -4.20 11.38 22.96
C GLU D 185 -3.54 10.08 22.52
N PHE D 186 -2.28 9.88 22.89
CA PHE D 186 -1.59 8.65 22.51
C PHE D 186 -2.22 7.44 23.19
N VAL D 187 -2.50 7.53 24.48
CA VAL D 187 -3.19 6.44 25.18
C VAL D 187 -4.69 6.60 24.96
N ARG D 188 -5.18 6.03 23.87
CA ARG D 188 -6.53 6.17 23.34
C ARG D 188 -6.45 5.73 21.89
N ARG D 189 -5.47 6.28 21.17
CA ARG D 189 -5.12 5.75 19.86
C ARG D 189 -4.66 4.30 19.98
N ALA D 190 -3.74 4.05 20.91
CA ALA D 190 -3.54 2.69 21.37
C ALA D 190 -4.77 2.30 22.16
N GLY D 191 -5.47 1.26 21.70
CA GLY D 191 -6.68 0.80 22.37
C GLY D 191 -6.47 0.43 23.83
N LEU D 192 -5.66 1.22 24.54
CA LEU D 192 -5.34 1.07 25.95
C LEU D 192 -5.99 2.21 26.72
N SER D 193 -5.65 2.34 27.99
CA SER D 193 -6.33 3.30 28.85
C SER D 193 -5.39 3.87 29.92
N SER D 194 -4.42 3.09 30.36
CA SER D 194 -3.53 3.53 31.43
C SER D 194 -2.33 4.31 30.87
N ASP D 197 -0.30 6.47 30.85
CA ASP D 197 1.11 6.77 30.63
C ASP D 197 2.05 5.58 30.89
N LEU D 198 1.46 4.38 31.06
CA LEU D 198 2.21 3.13 31.27
C LEU D 198 2.69 2.61 29.93
N GLU D 199 3.83 3.16 29.46
CA GLU D 199 4.29 2.90 28.09
C GLU D 199 4.81 1.47 27.93
N MET D 200 5.75 1.05 28.79
CA MET D 200 6.31 -0.30 28.74
C MET D 200 6.92 -0.62 30.10
N VAL D 201 6.27 -1.48 30.89
CA VAL D 201 6.70 -1.74 32.27
C VAL D 201 6.74 -3.24 32.53
N GLY D 202 7.43 -3.63 33.62
CA GLY D 202 7.36 -4.99 34.17
C GLY D 202 7.87 -6.14 33.30
N GLU D 203 7.10 -7.21 33.28
CA GLU D 203 7.50 -8.42 32.59
C GLU D 203 7.47 -8.25 31.08
N ALA D 204 6.53 -7.46 30.55
CA ALA D 204 6.60 -7.11 29.14
C ALA D 204 7.91 -6.37 28.85
N ARG D 205 8.31 -5.46 29.73
CA ARG D 205 9.55 -4.73 29.48
C ARG D 205 10.77 -5.64 29.65
N ASP D 206 10.73 -6.55 30.64
CA ASP D 206 11.81 -7.53 30.79
C ASP D 206 11.99 -8.34 29.52
N LYS D 207 10.90 -8.82 28.93
CA LYS D 207 11.03 -9.64 27.73
C LYS D 207 11.54 -8.81 26.55
N MET D 208 11.09 -7.57 26.44
CA MET D 208 11.53 -6.74 25.33
C MET D 208 13.01 -6.36 25.50
N MET D 209 13.46 -6.13 26.73
CA MET D 209 14.87 -5.84 26.96
C MET D 209 15.75 -7.03 26.57
N GLN D 210 15.29 -8.25 26.85
CA GLN D 210 16.05 -9.43 26.45
C GLN D 210 16.09 -9.57 24.93
N SER D 211 14.95 -9.38 24.27
CA SER D 211 14.95 -9.42 22.82
C SER D 211 15.91 -8.36 22.27
N PHE D 212 15.93 -7.20 22.90
CA PHE D 212 16.83 -6.11 22.53
C PHE D 212 18.29 -6.51 22.69
N ARG D 213 18.63 -7.09 23.85
CA ARG D 213 19.99 -7.57 24.07
C ARG D 213 20.37 -8.65 23.07
N ASN D 214 19.43 -9.53 22.70
CA ASN D 214 19.70 -10.56 21.70
C ASN D 214 19.95 -9.95 20.32
N MET D 215 19.15 -8.97 19.95
CA MET D 215 19.36 -8.22 18.71
C MET D 215 20.77 -7.62 18.67
N LEU D 216 21.17 -6.91 19.72
CA LEU D 216 22.51 -6.35 19.74
C LEU D 216 23.59 -7.44 19.73
N GLY D 217 23.30 -8.61 20.29
CA GLY D 217 24.24 -9.73 20.18
C GLY D 217 24.45 -10.19 18.76
N ASP D 218 23.39 -10.15 17.94
CA ASP D 218 23.54 -10.43 16.52
C ASP D 218 24.49 -9.42 15.86
N LEU D 219 24.35 -8.14 16.21
CA LEU D 219 25.23 -7.13 15.63
C LEU D 219 26.65 -7.30 16.16
N ALA D 220 26.80 -7.60 17.45
CA ALA D 220 28.11 -7.75 18.05
C ALA D 220 28.96 -8.78 17.29
N ALA D 221 28.33 -9.81 16.73
CA ALA D 221 29.06 -10.82 15.96
C ALA D 221 29.90 -10.17 14.85
N LEU D 222 29.37 -9.12 14.21
CA LEU D 222 30.15 -8.40 13.20
C LEU D 222 31.28 -7.59 13.84
N PHE D 223 31.02 -6.97 15.00
CA PHE D 223 32.02 -6.16 15.66
C PHE D 223 33.10 -6.98 16.35
N ARG D 224 32.83 -8.25 16.67
CA ARG D 224 33.85 -9.11 17.27
C ARG D 224 34.88 -9.56 16.23
N LYS D 225 34.62 -9.32 14.95
CA LYS D 225 35.47 -9.89 13.91
C LYS D 225 36.84 -9.22 13.88
N ASP D 226 36.89 -7.90 14.09
CA ASP D 226 38.16 -7.16 14.08
C ASP D 226 38.38 -6.59 15.48
N ALA D 227 39.41 -7.08 16.17
CA ALA D 227 39.68 -6.68 17.54
C ALA D 227 40.74 -5.60 17.67
N SER D 228 41.25 -5.08 16.56
CA SER D 228 42.23 -4.00 16.58
C SER D 228 41.64 -2.66 16.99
N GLY D 229 40.32 -2.54 17.09
CA GLY D 229 39.70 -1.28 17.41
C GLY D 229 38.22 -1.42 17.71
N PRO D 230 37.56 -0.30 18.01
CA PRO D 230 36.14 -0.34 18.38
C PRO D 230 35.17 -0.30 17.20
N PHE D 231 35.63 -0.05 15.97
CA PHE D 231 34.74 -0.02 14.82
C PHE D 231 34.70 -1.36 14.12
N LEU D 232 33.77 -1.50 13.17
CA LEU D 232 33.66 -2.73 12.41
C LEU D 232 34.99 -3.16 11.80
N LEU D 233 35.75 -2.19 11.26
CA LEU D 233 37.01 -2.47 10.59
C LEU D 233 38.23 -2.13 11.43
N GLY D 234 38.04 -1.96 12.74
CA GLY D 234 39.14 -1.68 13.64
C GLY D 234 39.21 -0.23 14.04
N GLN D 235 40.28 0.46 13.63
CA GLN D 235 40.47 1.83 14.09
C GLN D 235 39.72 2.86 13.23
N ARG D 236 39.26 2.49 12.05
CA ARG D 236 38.59 3.43 11.15
C ARG D 236 37.08 3.21 11.21
N ALA D 237 36.34 4.31 11.38
CA ALA D 237 34.89 4.27 11.29
C ALA D 237 34.42 4.22 9.82
N THR D 238 33.26 3.61 9.62
CA THR D 238 32.53 3.62 8.34
C THR D 238 31.09 4.06 8.58
N TYR D 239 30.34 4.21 7.49
CA TYR D 239 28.93 4.55 7.65
C TYR D 239 28.16 3.42 8.34
N ALA D 240 28.61 2.17 8.19
CA ALA D 240 27.90 1.10 8.87
C ALA D 240 28.02 1.25 10.39
N ASP D 241 29.13 1.82 10.87
CA ASP D 241 29.25 2.11 12.29
C ASP D 241 28.25 3.18 12.72
N MET D 242 28.07 4.20 11.88
CA MET D 242 27.17 5.30 12.23
C MET D 242 25.70 4.88 12.11
N ILE D 243 25.40 3.92 11.24
CA ILE D 243 24.05 3.38 11.15
C ILE D 243 23.63 2.81 12.50
N VAL D 244 24.49 2.00 13.11
CA VAL D 244 24.25 1.54 14.48
C VAL D 244 24.41 2.69 15.46
N GLY D 245 25.43 3.54 15.28
CA GLY D 245 25.69 4.61 16.25
C GLY D 245 24.56 5.60 16.42
N GLY D 246 23.88 5.95 15.31
CA GLY D 246 22.75 6.88 15.43
C GLY D 246 21.62 6.34 16.26
N TRP D 247 21.36 5.03 16.18
CA TRP D 247 20.40 4.42 17.09
C TRP D 247 20.91 4.45 18.53
N LEU D 248 22.21 4.23 18.73
CA LEU D 248 22.73 4.31 20.11
C LEU D 248 22.57 5.71 20.67
N ARG D 249 22.71 6.75 19.84
CA ARG D 249 22.47 8.12 20.31
C ARG D 249 21.04 8.31 20.75
N MET D 250 20.10 7.68 20.05
CA MET D 250 18.72 7.81 20.49
C MET D 250 18.50 7.10 21.82
N MET D 251 19.05 5.88 21.95
CA MET D 251 18.94 5.15 23.20
C MET D 251 19.46 5.96 24.38
N ARG D 252 20.64 6.59 24.20
CA ARG D 252 21.23 7.39 25.27
C ARG D 252 20.29 8.50 25.74
N ALA D 253 19.49 9.06 24.81
CA ALA D 253 18.63 10.18 25.13
C ALA D 253 17.26 9.78 25.66
N THR D 254 16.83 8.52 25.45
CA THR D 254 15.46 8.13 25.76
C THR D 254 15.33 7.01 26.78
N LEU D 255 16.39 6.23 27.00
CA LEU D 255 16.31 5.13 27.95
C LEU D 255 16.58 5.64 29.37
N PRO D 256 15.97 5.02 30.37
CA PRO D 256 16.43 5.21 31.75
C PRO D 256 17.93 4.99 31.84
N VAL D 257 18.58 5.78 32.69
CA VAL D 257 20.04 5.75 32.78
C VAL D 257 20.53 4.34 33.08
N SER D 258 19.88 3.63 34.02
CA SER D 258 20.36 2.29 34.35
C SER D 258 20.25 1.34 33.17
N GLU D 259 19.27 1.55 32.29
CA GLU D 259 19.12 0.69 31.13
C GLU D 259 20.18 1.00 30.08
N TRP D 260 20.45 2.28 29.86
CA TRP D 260 21.51 2.66 28.93
C TRP D 260 22.85 2.10 29.38
N GLN D 261 23.15 2.20 30.68
CA GLN D 261 24.41 1.65 31.18
C GLN D 261 24.43 0.14 31.03
N GLU D 262 23.28 -0.50 31.23
CA GLU D 262 23.16 -1.93 30.98
C GLU D 262 23.48 -2.26 29.52
N ALA D 263 22.86 -1.53 28.58
CA ALA D 263 23.12 -1.75 27.15
C ALA D 263 24.58 -1.48 26.80
N ARG D 264 25.23 -0.51 27.46
CA ARG D 264 26.64 -0.22 27.20
C ARG D 264 27.54 -1.39 27.59
N ALA D 265 27.12 -2.21 28.54
CA ALA D 265 27.96 -3.29 29.05
C ALA D 265 27.74 -4.61 28.31
N TRP D 266 26.60 -4.76 27.64
CA TRP D 266 26.26 -6.05 27.04
C TRP D 266 27.33 -6.49 26.07
N HIS D 267 27.49 -7.82 25.95
CA HIS D 267 28.39 -8.43 24.98
C HIS D 267 29.80 -7.88 25.12
N GLY D 268 30.25 -7.79 26.38
CA GLY D 268 31.58 -7.33 26.66
C GLY D 268 31.84 -5.88 26.37
N GLY D 269 30.83 -5.02 26.44
CA GLY D 269 31.02 -3.60 26.26
C GLY D 269 31.20 -3.09 24.84
N ILE D 270 30.92 -3.92 23.83
CA ILE D 270 31.17 -3.55 22.43
C ILE D 270 30.47 -2.23 22.08
N PHE D 271 29.23 -2.06 22.50
CA PHE D 271 28.49 -0.88 22.08
C PHE D 271 28.79 0.33 22.93
N GLY D 272 29.13 0.13 24.21
CA GLY D 272 29.70 1.23 24.98
C GLY D 272 30.92 1.81 24.30
N ARG D 273 31.83 0.94 23.84
CA ARG D 273 33.04 1.40 23.18
C ARG D 273 32.75 1.98 21.80
N LEU D 274 31.86 1.36 21.04
CA LEU D 274 31.48 1.96 19.76
C LEU D 274 30.96 3.38 19.97
N HIS D 275 30.06 3.54 20.95
CA HIS D 275 29.47 4.85 21.21
C HIS D 275 30.53 5.87 21.59
N ASP D 276 31.45 5.49 22.48
CA ASP D 276 32.49 6.44 22.89
C ASP D 276 33.40 6.81 21.73
N ALA D 277 33.73 5.85 20.87
CA ALA D 277 34.57 6.13 19.72
C ALA D 277 33.92 7.10 18.75
N LEU D 278 32.59 7.09 18.66
CA LEU D 278 31.85 7.98 17.79
C LEU D 278 31.69 9.38 18.37
N ASP D 279 31.98 9.57 19.66
CA ASP D 279 31.89 10.89 20.30
C ASP D 279 32.60 11.96 19.47
N LYS D 280 33.79 11.64 18.92
CA LYS D 280 34.56 12.63 18.18
C LYS D 280 33.84 13.10 16.91
N TYR D 281 32.87 12.33 16.41
CA TYR D 281 32.06 12.72 15.26
C TYR D 281 30.65 13.19 15.65
N ALA D 282 30.37 13.36 16.95
CA ALA D 282 29.03 13.66 17.40
C ALA D 282 28.82 15.14 17.76
N GLU D 283 29.73 16.02 17.37
CA GLU D 283 29.55 17.44 17.72
C GLU D 283 28.25 17.99 17.15
N VAL D 284 27.45 18.62 18.02
CA VAL D 284 26.15 19.15 17.63
C VAL D 284 26.37 20.59 17.15
N LYS D 285 26.68 20.74 15.86
CA LYS D 285 26.92 22.03 15.21
C LYS D 285 25.68 22.57 14.47
#